data_4ZLI
#
_entry.id   4ZLI
#
_cell.length_a   107.058
_cell.length_b   107.058
_cell.length_c   185.767
_cell.angle_alpha   90.00
_cell.angle_beta   90.00
_cell.angle_gamma   120.00
#
_symmetry.space_group_name_H-M   'P 31 2 1'
#
loop_
_entity.id
_entity.type
_entity.pdbx_description
1 polymer 'Putative b-glycan phosphorylase'
2 branched 'beta-D-glucopyranose-(1-3)-alpha-D-glucopyranuronic acid'
3 non-polymer GLYCEROL
4 non-polymer 'SULFATE ION'
5 non-polymer 'CHLORIDE ION'
6 water water
#
_entity_poly.entity_id   1
_entity_poly.type   'polypeptide(L)'
_entity_poly.pdbx_seq_one_letter_code
;GLKAINNGERYQLTSPTAMPQSASFLWNKKMMIQVNCRGYAVAQFMQPEPAKYAYAPNLEAKTFMQPEQPYYAHHPGRFF
YIKDEETGEIFSAPYEPVRSQLNNFSFNAGKSDISWHIAALGIEVELCLSLPVDDVVELWELKIKNGGAQPRKLSIYPYF
PVGYMSWMNQSGDYSQTAGGIIASCVTPYQKVADYFKNKDFKDKTFFLHETAPAAWEVNQKNFEGEGGLHNPNAIQQETL
GCGNALYETPTAVLQYRRELAAQEQQTFRFIFGPAFDESEAIALRNKYLSAEGFAKAKSEYQTYITSGKGCLQINTPDPE
LNNFVNHWLPRQVFYHGDVNRLTTDPQTRNYIQDNMGMSYIKPNITRQAFLHALSQQEESGAMPDGILLLEGAELKYINQ
IPHTDHCVWLPVCMQAYLDETNDYALLDEIVPYASGEKRETVEQHMHHAMRWLLQARDERGLSFIAQGDWCDPMNMVGYK
GKGVSGWLSVATAYALNLWADVCEQRQQNSCANEFRQGAKDINAAVNKHIWDGEWFGRGITDDGVLFGTSKDKEGRIFLN
PQSWAILGGAADEQKIPCLLDAVEQQLETPYGVMMLAPAFTAMRDDVGRVTQKFPGSAENGSVYNHAAVFYIFSLLSIGE
SERAYKLLRQMLPGPDEADLLQRGQLPVFIPNYYRGAYYQHPRTAGRSSQLFNTGTVSWVYRCLIEGVFGLKGSPQGLVV
QPQLPVAWQTAEAVREFRGATFNVSYRKSSDIKEMEIQLNESVISGNTISDITAGATYQLTVLLPATHLEHHHHHH
;
_entity_poly.pdbx_strand_id   A
#
loop_
_chem_comp.id
_chem_comp.type
_chem_comp.name
_chem_comp.formula
BGC D-saccharide, beta linking beta-D-glucopyranose 'C6 H12 O6'
CL non-polymer 'CHLORIDE ION' 'Cl -1'
GCU D-saccharide, alpha linking 'alpha-D-glucopyranuronic acid' 'C6 H10 O7'
GOL non-polymer GLYCEROL 'C3 H8 O3'
SO4 non-polymer 'SULFATE ION' 'O4 S -2'
#
# COMPACT_ATOMS: atom_id res chain seq x y z
N GLY A 1 6.84 8.00 23.11
CA GLY A 1 5.42 8.48 22.93
C GLY A 1 5.06 8.41 21.45
N LEU A 2 3.77 8.41 21.18
CA LEU A 2 3.30 8.26 19.81
C LEU A 2 1.99 8.88 19.76
N LYS A 3 1.77 9.93 18.93
CA LYS A 3 0.42 10.46 18.80
C LYS A 3 0.22 11.33 17.61
N ALA A 4 -1.07 11.53 17.25
CA ALA A 4 -1.43 12.44 16.15
C ALA A 4 -1.14 13.88 16.56
N ILE A 5 -0.68 14.71 15.63
CA ILE A 5 -0.38 16.12 15.87
C ILE A 5 -0.88 16.97 14.76
N ASN A 6 -0.84 18.32 14.92
CA ASN A 6 -1.18 19.23 13.84
C ASN A 6 -2.57 19.00 13.24
N ASN A 7 -3.53 18.72 14.11
CA ASN A 7 -4.94 18.61 13.70
C ASN A 7 -5.17 17.43 12.74
N GLY A 8 -4.33 16.42 12.87
CA GLY A 8 -4.38 15.17 12.04
C GLY A 8 -3.43 15.14 10.86
N GLU A 9 -2.77 16.25 10.56
CA GLU A 9 -1.90 16.34 9.39
C GLU A 9 -0.71 15.40 9.54
N ARG A 10 -0.21 15.20 10.74
CA ARG A 10 0.95 14.38 10.99
C ARG A 10 0.75 13.46 12.16
N TYR A 11 1.70 12.56 12.37
CA TYR A 11 1.68 11.52 13.42
C TYR A 11 3.09 11.44 13.91
N GLN A 12 3.30 11.61 15.24
CA GLN A 12 4.64 11.76 15.78
C GLN A 12 5.06 10.65 16.71
N LEU A 13 6.27 10.14 16.48
CA LEU A 13 6.92 9.15 17.29
C LEU A 13 8.08 9.83 17.98
N THR A 14 8.22 9.65 19.28
CA THR A 14 9.25 10.40 20.09
C THR A 14 10.42 9.61 20.64
N SER A 15 10.58 8.39 20.15
CA SER A 15 11.74 7.56 20.42
C SER A 15 12.31 6.97 19.11
N PRO A 16 13.62 7.06 18.93
CA PRO A 16 14.28 6.40 17.81
C PRO A 16 14.63 4.93 18.04
N THR A 17 14.41 4.39 19.25
CA THR A 17 14.73 3.02 19.57
C THR A 17 13.54 2.14 19.90
N ALA A 18 12.40 2.69 20.30
CA ALA A 18 11.33 1.83 20.75
C ALA A 18 10.64 1.06 19.62
N MET A 19 10.64 1.66 18.43
CA MET A 19 9.97 1.09 17.26
C MET A 19 10.93 1.34 16.06
N PRO A 20 12.06 0.63 16.08
CA PRO A 20 13.17 1.03 15.20
C PRO A 20 12.93 0.71 13.74
N GLN A 21 11.99 -0.20 13.43
CA GLN A 21 11.69 -0.49 12.04
C GLN A 21 10.61 0.43 11.47
N SER A 22 10.01 1.24 12.31
CA SER A 22 8.84 2.02 11.87
C SER A 22 9.22 3.05 10.85
N ALA A 23 8.24 3.44 10.07
CA ALA A 23 8.45 4.22 8.87
C ALA A 23 7.18 4.84 8.38
N SER A 24 7.29 5.77 7.41
CA SER A 24 6.18 6.24 6.67
C SER A 24 6.63 6.31 5.22
N PHE A 25 5.75 6.69 4.36
CA PHE A 25 6.05 6.78 2.88
C PHE A 25 5.52 8.04 2.33
N LEU A 26 6.10 8.45 1.21
CA LEU A 26 5.56 9.44 0.32
C LEU A 26 5.65 8.93 -1.12
N TRP A 27 4.85 9.45 -1.99
CA TRP A 27 4.86 9.15 -3.38
C TRP A 27 4.53 10.32 -4.24
N ASN A 28 4.76 10.21 -5.53
CA ASN A 28 4.20 11.11 -6.49
C ASN A 28 3.94 10.43 -7.77
N LYS A 29 3.66 11.10 -8.87
CA LYS A 29 3.31 10.45 -10.09
C LYS A 29 4.39 9.45 -10.62
N LYS A 30 5.64 9.65 -10.23
CA LYS A 30 6.77 8.90 -10.77
C LYS A 30 7.66 8.25 -9.80
N MET A 31 7.40 8.34 -8.50
CA MET A 31 8.33 7.80 -7.52
C MET A 31 7.66 7.54 -6.23
N MET A 32 8.34 6.76 -5.40
CA MET A 32 7.97 6.52 -3.98
C MET A 32 9.19 6.38 -3.13
N ILE A 33 9.02 6.72 -1.88
CA ILE A 33 10.06 6.62 -0.90
C ILE A 33 9.52 6.15 0.43
N GLN A 34 10.11 5.10 0.99
CA GLN A 34 9.82 4.71 2.36
C GLN A 34 10.91 5.28 3.24
N VAL A 35 10.55 5.96 4.32
CA VAL A 35 11.50 6.56 5.19
C VAL A 35 11.34 5.96 6.60
N ASN A 36 12.44 5.39 7.08
CA ASN A 36 12.51 4.73 8.34
C ASN A 36 12.76 5.83 9.40
N CYS A 37 12.28 5.61 10.64
CA CYS A 37 12.38 6.66 11.69
C CYS A 37 13.80 7.07 12.06
N ARG A 38 14.75 6.21 11.85
CA ARG A 38 16.18 6.48 12.15
C ARG A 38 17.00 7.17 11.08
N GLY A 39 16.43 7.31 9.89
CA GLY A 39 17.09 7.93 8.77
C GLY A 39 17.35 7.11 7.56
N TYR A 40 17.17 5.82 7.66
CA TYR A 40 17.26 4.99 6.46
C TYR A 40 16.07 5.26 5.55
N ALA A 41 16.29 5.04 4.26
CA ALA A 41 15.27 5.22 3.25
C ALA A 41 15.48 4.40 2.03
N VAL A 42 14.36 4.06 1.38
CA VAL A 42 14.36 3.33 0.11
C VAL A 42 13.55 4.14 -0.84
N ALA A 43 14.13 4.53 -1.98
CA ALA A 43 13.43 5.34 -2.96
C ALA A 43 13.48 4.73 -4.33
N GLN A 44 12.34 4.59 -5.01
CA GLN A 44 12.29 4.06 -6.40
C GLN A 44 11.58 5.00 -7.30
N PHE A 45 12.04 5.14 -8.53
CA PHE A 45 11.38 5.98 -9.50
C PHE A 45 11.20 5.30 -10.79
N MET A 46 10.40 5.89 -11.65
CA MET A 46 10.04 5.32 -12.95
C MET A 46 10.59 6.15 -14.09
N GLN A 47 11.22 5.46 -15.01
CA GLN A 47 11.85 6.14 -16.18
C GLN A 47 11.84 5.55 -17.59
N PRO A 48 10.84 4.82 -18.04
CA PRO A 48 9.54 4.59 -17.37
C PRO A 48 9.52 3.28 -16.55
N GLU A 49 10.60 2.46 -16.56
CA GLU A 49 10.76 1.36 -15.65
C GLU A 49 11.38 1.72 -14.32
N PRO A 50 11.28 0.84 -13.30
CA PRO A 50 11.86 1.16 -12.03
C PRO A 50 13.42 1.30 -12.02
N ALA A 51 13.86 2.24 -11.22
CA ALA A 51 15.25 2.54 -10.99
C ALA A 51 15.44 3.23 -9.66
N LYS A 52 16.68 3.33 -9.21
CA LYS A 52 17.04 4.02 -8.02
C LYS A 52 18.26 4.88 -8.27
N TYR A 53 18.40 5.89 -7.35
CA TYR A 53 19.53 6.86 -7.39
C TYR A 53 20.42 6.79 -6.18
N ALA A 54 19.97 6.15 -5.12
CA ALA A 54 20.73 5.96 -3.92
C ALA A 54 20.86 4.47 -3.78
N TYR A 55 22.06 3.97 -3.87
CA TYR A 55 22.35 2.53 -3.95
C TYR A 55 22.94 1.97 -2.69
N ALA A 56 22.81 0.66 -2.58
CA ALA A 56 23.52 -0.07 -1.52
C ALA A 56 25.03 0.01 -1.77
N PRO A 57 25.83 -0.33 -0.78
CA PRO A 57 27.34 -0.29 -0.97
C PRO A 57 27.92 -1.50 -1.72
N ASN A 58 27.07 -2.42 -2.11
CA ASN A 58 27.42 -3.62 -2.91
C ASN A 58 26.56 -3.65 -4.13
N LEU A 59 26.70 -4.67 -4.94
CA LEU A 59 25.91 -4.83 -6.09
C LEU A 59 24.64 -5.53 -5.72
N GLU A 60 23.58 -4.78 -5.64
CA GLU A 60 22.39 -5.27 -5.09
C GLU A 60 21.51 -5.86 -6.17
N ALA A 61 20.59 -6.75 -5.78
CA ALA A 61 19.59 -7.28 -6.74
C ALA A 61 18.61 -6.19 -7.07
N LYS A 62 17.98 -6.36 -8.22
CA LYS A 62 16.93 -5.49 -8.66
C LYS A 62 15.74 -5.79 -7.79
N THR A 63 15.26 -4.83 -7.01
CA THR A 63 14.19 -5.06 -6.03
C THR A 63 13.74 -3.68 -5.41
N PHE A 64 12.48 -3.48 -4.93
CA PHE A 64 12.14 -2.25 -4.18
C PHE A 64 12.53 -2.51 -2.71
N MET A 65 11.70 -3.28 -1.97
CA MET A 65 11.94 -3.60 -0.53
C MET A 65 11.48 -4.99 -0.26
N GLN A 66 12.00 -5.61 0.77
CA GLN A 66 11.52 -6.89 1.24
C GLN A 66 10.54 -6.63 2.45
N PRO A 67 9.62 -7.58 2.69
CA PRO A 67 8.87 -7.53 3.93
C PRO A 67 9.79 -7.62 5.10
N GLU A 68 9.59 -6.80 6.11
CA GLU A 68 10.40 -6.79 7.33
C GLU A 68 11.84 -6.45 6.97
N GLN A 69 11.99 -5.44 6.13
CA GLN A 69 13.32 -5.03 5.55
C GLN A 69 14.35 -4.91 6.65
N PRO A 70 15.49 -5.58 6.57
CA PRO A 70 16.51 -5.23 7.51
C PRO A 70 17.37 -4.04 6.98
N TYR A 71 17.71 -3.22 7.90
CA TYR A 71 18.54 -2.06 7.62
C TYR A 71 19.89 -2.54 8.15
N TYR A 72 20.95 -1.81 7.84
CA TYR A 72 22.31 -2.15 8.24
C TYR A 72 23.00 -0.79 8.13
N ALA A 73 24.19 -0.66 8.66
CA ALA A 73 24.78 0.67 8.85
C ALA A 73 24.93 1.48 7.56
N HIS A 74 25.31 0.81 6.46
CA HIS A 74 25.51 1.44 5.16
C HIS A 74 24.30 1.41 4.25
N HIS A 75 23.13 1.11 4.80
CA HIS A 75 21.88 1.16 3.99
C HIS A 75 21.65 2.61 3.54
N PRO A 76 21.14 2.81 2.33
CA PRO A 76 20.84 4.20 1.92
C PRO A 76 20.00 4.94 2.99
N GLY A 77 20.26 6.22 3.14
CA GLY A 77 19.55 7.05 4.08
C GLY A 77 19.83 8.53 3.85
N ARG A 78 19.37 9.32 4.83
CA ARG A 78 19.29 10.75 4.63
C ARG A 78 19.71 11.39 5.92
N PHE A 79 20.94 11.92 5.95
CA PHE A 79 21.58 12.26 7.24
C PHE A 79 22.26 13.65 7.23
N PHE A 80 22.38 14.19 8.43
CA PHE A 80 23.15 15.43 8.65
C PHE A 80 23.94 15.28 9.92
N TYR A 81 25.26 15.52 9.82
CA TYR A 81 26.13 15.52 11.00
C TYR A 81 26.28 17.00 11.47
N ILE A 82 26.29 17.15 12.80
CA ILE A 82 26.54 18.43 13.45
C ILE A 82 27.80 18.27 14.28
N LYS A 83 28.78 19.17 14.10
CA LYS A 83 30.00 19.16 14.93
C LYS A 83 30.15 20.52 15.67
N ASP A 84 30.37 20.44 16.98
CA ASP A 84 30.66 21.64 17.80
C ASP A 84 32.12 21.91 17.57
N GLU A 85 32.45 22.97 16.89
CA GLU A 85 33.85 23.20 16.52
C GLU A 85 34.69 23.49 17.80
N GLU A 86 34.08 23.87 18.91
CA GLU A 86 34.84 24.20 20.16
C GLU A 86 35.20 22.96 20.89
N THR A 87 34.35 21.92 20.91
CA THR A 87 34.61 20.73 21.68
C THR A 87 35.02 19.53 20.82
N GLY A 88 34.80 19.57 19.52
CA GLY A 88 34.91 18.37 18.68
C GLY A 88 33.76 17.35 18.79
N GLU A 89 32.79 17.58 19.65
CA GLU A 89 31.70 16.63 19.79
C GLU A 89 30.77 16.63 18.56
N ILE A 90 30.25 15.46 18.23
CA ILE A 90 29.44 15.32 17.01
C ILE A 90 28.15 14.56 17.36
N PHE A 91 27.11 14.88 16.60
CA PHE A 91 25.94 14.03 16.54
C PHE A 91 25.38 14.03 15.12
N SER A 92 24.44 13.12 14.85
CA SER A 92 23.76 13.09 13.56
C SER A 92 22.22 13.06 13.72
N ALA A 93 21.63 13.76 12.83
CA ALA A 93 20.21 13.71 12.55
C ALA A 93 19.99 12.74 11.34
N PRO A 94 18.94 11.94 11.40
CA PRO A 94 17.92 11.95 12.49
C PRO A 94 18.32 11.23 13.75
N TYR A 95 19.21 10.25 13.62
CA TYR A 95 19.68 9.45 14.77
C TYR A 95 20.84 8.62 14.32
N GLU A 96 20.61 7.74 13.39
CA GLU A 96 21.75 7.24 12.61
C GLU A 96 22.51 8.39 11.92
N PRO A 97 23.79 8.20 11.52
CA PRO A 97 24.59 6.96 11.76
C PRO A 97 25.30 6.91 13.09
N VAL A 98 25.34 8.02 13.80
CA VAL A 98 26.12 8.09 15.07
C VAL A 98 25.46 7.50 16.28
N ARG A 99 24.15 7.63 16.37
CA ARG A 99 23.30 7.05 17.44
C ARG A 99 23.78 7.74 18.78
N SER A 100 24.06 9.03 18.74
CA SER A 100 24.36 9.73 20.00
C SER A 100 23.07 9.81 20.88
N GLN A 101 23.31 10.11 22.15
CA GLN A 101 22.28 10.50 23.09
C GLN A 101 21.65 11.79 22.61
N LEU A 102 20.34 11.86 22.50
CA LEU A 102 19.68 13.08 22.12
C LEU A 102 18.96 13.64 23.32
N ASN A 103 18.79 14.96 23.40
CA ASN A 103 17.85 15.56 24.35
C ASN A 103 16.42 15.63 23.86
N ASN A 104 16.17 15.57 22.55
CA ASN A 104 14.82 15.52 22.05
C ASN A 104 14.83 14.76 20.75
N PHE A 105 13.78 13.99 20.49
CA PHE A 105 13.60 13.29 19.18
C PHE A 105 12.12 13.23 18.78
N SER A 106 11.80 13.68 17.57
CA SER A 106 10.50 13.53 16.98
C SER A 106 10.67 13.11 15.52
N PHE A 107 10.01 12.01 15.19
CA PHE A 107 9.74 11.59 13.81
C PHE A 107 8.27 11.82 13.48
N ASN A 108 8.04 12.67 12.50
CA ASN A 108 6.74 13.10 12.09
C ASN A 108 6.37 12.56 10.71
N ALA A 109 5.54 11.53 10.72
CA ALA A 109 4.97 11.12 9.44
C ALA A 109 3.96 12.10 9.02
N GLY A 110 3.94 12.53 7.78
CA GLY A 110 2.97 13.48 7.31
C GLY A 110 2.14 12.98 6.18
N LYS A 111 1.00 13.63 5.94
CA LYS A 111 0.24 13.34 4.77
C LYS A 111 0.98 13.69 3.49
N SER A 112 1.79 14.76 3.59
CA SER A 112 2.43 15.37 2.44
C SER A 112 3.94 15.62 2.66
N ASP A 113 4.45 15.24 3.79
CA ASP A 113 5.85 15.37 4.10
C ASP A 113 6.26 14.47 5.17
N ILE A 114 7.58 14.35 5.37
CA ILE A 114 8.14 13.56 6.47
C ILE A 114 9.19 14.42 7.11
N SER A 115 9.24 14.47 8.43
CA SER A 115 10.12 15.42 9.08
C SER A 115 10.60 14.93 10.40
N TRP A 116 11.67 15.54 10.90
CA TRP A 116 12.15 15.30 12.23
C TRP A 116 12.45 16.62 12.94
N HIS A 117 12.36 16.54 14.29
CA HIS A 117 12.98 17.55 15.16
C HIS A 117 13.83 16.77 16.15
N ILE A 118 15.09 17.18 16.28
CA ILE A 118 15.99 16.60 17.23
C ILE A 118 16.79 17.71 17.92
N ALA A 119 17.34 17.38 19.10
CA ALA A 119 18.23 18.26 19.76
C ALA A 119 19.33 17.51 20.45
N ALA A 120 20.51 18.09 20.40
CA ALA A 120 21.67 17.59 21.12
C ALA A 120 22.67 18.71 21.24
N LEU A 121 23.44 18.73 22.32
CA LEU A 121 24.52 19.72 22.52
C LEU A 121 23.97 21.16 22.55
N GLY A 122 22.71 21.32 22.90
CA GLY A 122 22.07 22.62 22.86
C GLY A 122 21.70 23.15 21.48
N ILE A 123 21.84 22.32 20.43
CA ILE A 123 21.55 22.76 19.07
C ILE A 123 20.24 22.01 18.65
N GLU A 124 19.27 22.75 18.11
CA GLU A 124 18.00 22.26 17.74
C GLU A 124 18.00 22.10 16.21
N VAL A 125 17.62 20.90 15.73
CA VAL A 125 17.65 20.64 14.30
C VAL A 125 16.23 20.28 13.83
N GLU A 126 15.87 20.79 12.66
CA GLU A 126 14.67 20.34 11.99
C GLU A 126 15.05 19.90 10.59
N LEU A 127 14.41 18.81 10.15
CA LEU A 127 14.62 18.27 8.84
C LEU A 127 13.29 17.95 8.23
N CYS A 128 13.07 18.39 7.02
CA CYS A 128 11.81 18.16 6.32
C CYS A 128 12.03 17.75 4.88
N LEU A 129 11.37 16.63 4.48
CA LEU A 129 11.37 16.09 3.16
C LEU A 129 9.98 16.24 2.58
N SER A 130 9.92 16.64 1.36
CA SER A 130 8.72 16.49 0.54
C SER A 130 9.05 16.30 -0.88
N LEU A 131 8.05 15.94 -1.65
CA LEU A 131 8.16 15.68 -3.09
C LEU A 131 7.23 16.60 -3.81
N PRO A 132 7.57 17.02 -5.05
CA PRO A 132 6.61 17.70 -5.89
C PRO A 132 5.64 16.65 -6.49
N VAL A 133 4.62 17.11 -7.17
CA VAL A 133 3.66 16.14 -7.79
C VAL A 133 4.21 15.34 -8.96
N ASP A 134 4.98 16.02 -9.83
CA ASP A 134 5.25 15.47 -11.14
C ASP A 134 6.71 15.31 -11.49
N ASP A 135 7.62 15.63 -10.66
CA ASP A 135 9.05 15.38 -11.03
C ASP A 135 9.68 14.51 -10.04
N VAL A 136 10.72 13.78 -10.48
CA VAL A 136 11.43 12.93 -9.56
C VAL A 136 12.57 13.69 -8.85
N VAL A 137 12.33 14.14 -7.66
CA VAL A 137 13.29 14.93 -6.87
C VAL A 137 12.83 14.97 -5.44
N GLU A 138 13.74 14.80 -4.52
CA GLU A 138 13.50 15.01 -3.10
C GLU A 138 13.82 16.40 -2.66
N LEU A 139 12.85 17.08 -2.01
CA LEU A 139 13.08 18.49 -1.50
C LEU A 139 13.38 18.43 -0.06
N TRP A 140 14.62 18.88 0.31
CA TRP A 140 15.10 18.80 1.65
C TRP A 140 15.33 20.24 2.27
N GLU A 141 14.75 20.40 3.47
CA GLU A 141 14.86 21.64 4.24
C GLU A 141 15.45 21.30 5.54
N LEU A 142 16.57 21.98 5.87
CA LEU A 142 17.24 21.78 7.10
C LEU A 142 17.27 23.10 7.89
N LYS A 143 16.97 23.05 9.17
CA LYS A 143 17.03 24.22 10.06
C LYS A 143 17.91 23.86 11.22
N ILE A 144 18.83 24.79 11.56
CA ILE A 144 19.76 24.61 12.64
C ILE A 144 19.66 25.87 13.58
N LYS A 145 19.45 25.65 14.87
CA LYS A 145 19.26 26.77 15.79
C LYS A 145 20.10 26.59 17.01
N ASN A 146 20.79 27.69 17.38
CA ASN A 146 21.48 27.64 18.68
C ASN A 146 20.45 27.97 19.74
N GLY A 147 20.12 26.97 20.55
CA GLY A 147 19.13 27.05 21.60
C GLY A 147 19.61 27.67 22.90
N GLY A 148 20.92 27.99 22.99
CA GLY A 148 21.51 28.49 24.25
C GLY A 148 21.79 29.98 24.24
N ALA A 149 22.47 30.41 25.32
CA ALA A 149 22.68 31.85 25.61
C ALA A 149 23.93 32.44 24.98
N GLN A 150 24.92 31.62 24.60
CA GLN A 150 26.22 32.08 24.02
C GLN A 150 26.35 31.72 22.54
N PRO A 151 27.20 32.41 21.79
CA PRO A 151 27.44 32.00 20.40
C PRO A 151 28.10 30.62 20.30
N ARG A 152 27.88 29.96 19.17
CA ARG A 152 28.33 28.58 19.02
C ARG A 152 28.90 28.48 17.65
N LYS A 153 30.03 27.77 17.54
CA LYS A 153 30.65 27.61 16.24
C LYS A 153 30.38 26.09 15.88
N LEU A 154 29.74 25.90 14.74
CA LEU A 154 29.32 24.56 14.23
C LEU A 154 29.82 24.32 12.81
N SER A 155 30.18 23.04 12.54
CA SER A 155 30.23 22.52 11.18
C SER A 155 29.00 21.62 11.02
N ILE A 156 28.40 21.79 9.85
CA ILE A 156 27.13 21.11 9.51
C ILE A 156 27.36 20.38 8.21
N TYR A 157 27.12 19.06 8.22
CA TYR A 157 27.48 18.21 7.09
C TYR A 157 26.29 17.29 6.63
N PRO A 158 25.61 17.69 5.60
CA PRO A 158 24.74 16.68 4.96
C PRO A 158 25.58 15.48 4.54
N TYR A 159 25.00 14.29 4.75
CA TYR A 159 25.60 12.99 4.32
C TYR A 159 24.48 12.18 3.63
N PHE A 160 24.51 12.21 2.31
CA PHE A 160 23.57 11.51 1.44
C PHE A 160 24.40 10.53 0.64
N PRO A 161 24.54 9.33 1.15
CA PRO A 161 25.49 8.39 0.48
C PRO A 161 24.87 7.86 -0.78
N VAL A 162 25.62 7.89 -1.88
CA VAL A 162 25.16 7.47 -3.16
C VAL A 162 25.25 5.93 -3.32
N GLY A 163 26.23 5.35 -2.73
CA GLY A 163 26.47 3.93 -2.81
C GLY A 163 27.23 3.48 -4.04
N TYR A 164 27.26 2.14 -4.20
CA TYR A 164 27.94 1.48 -5.30
C TYR A 164 27.03 1.48 -6.48
N MET A 165 27.31 2.31 -7.48
CA MET A 165 26.38 2.56 -8.54
C MET A 165 26.48 1.45 -9.64
N SER A 166 27.66 0.94 -9.90
CA SER A 166 27.87 0.14 -11.12
C SER A 166 29.31 -0.40 -11.07
N TRP A 167 29.48 -1.65 -11.43
CA TRP A 167 30.84 -2.17 -11.66
C TRP A 167 31.48 -1.77 -12.97
N MET A 168 30.70 -1.37 -13.95
CA MET A 168 31.25 -0.93 -15.22
C MET A 168 31.93 0.41 -15.10
N ASN A 169 31.21 1.35 -14.49
CA ASN A 169 31.67 2.72 -14.47
C ASN A 169 30.90 3.47 -13.37
N GLN A 170 31.61 4.01 -12.42
CA GLN A 170 30.97 4.89 -11.46
C GLN A 170 32.03 5.93 -11.06
N SER A 171 31.57 7.12 -10.75
CA SER A 171 32.47 8.24 -10.36
C SER A 171 31.65 9.32 -9.69
N GLY A 172 32.33 10.38 -9.30
CA GLY A 172 31.58 11.55 -8.89
C GLY A 172 32.47 12.73 -8.64
N ASP A 173 31.90 13.92 -8.82
CA ASP A 173 32.69 15.12 -8.52
C ASP A 173 31.75 16.23 -8.18
N TYR A 174 32.35 17.26 -7.63
CA TYR A 174 31.70 18.54 -7.38
C TYR A 174 31.52 19.34 -8.60
N SER A 175 30.37 19.95 -8.76
CA SER A 175 30.15 20.74 -9.95
C SER A 175 29.74 22.17 -9.45
N GLN A 176 30.62 23.17 -9.65
CA GLN A 176 30.25 24.57 -9.25
C GLN A 176 29.08 25.06 -10.11
N THR A 177 29.02 24.69 -11.37
CA THR A 177 27.97 25.11 -12.28
C THR A 177 26.59 24.56 -11.87
N ALA A 178 26.51 23.28 -11.52
CA ALA A 178 25.23 22.74 -11.01
C ALA A 178 24.92 23.13 -9.63
N GLY A 179 25.92 23.58 -8.90
CA GLY A 179 25.82 23.90 -7.51
C GLY A 179 25.62 22.71 -6.60
N GLY A 180 26.49 21.74 -6.75
CA GLY A 180 26.54 20.65 -5.81
C GLY A 180 27.29 19.44 -6.39
N ILE A 181 26.95 18.26 -5.88
CA ILE A 181 27.64 17.03 -6.22
C ILE A 181 26.86 16.28 -7.30
N ILE A 182 27.59 15.81 -8.30
CA ILE A 182 27.01 14.93 -9.33
C ILE A 182 27.84 13.61 -9.35
N ALA A 183 27.17 12.51 -8.98
CA ALA A 183 27.69 11.14 -9.11
C ALA A 183 27.19 10.61 -10.42
N SER A 184 27.96 9.78 -11.10
CA SER A 184 27.66 9.36 -12.44
C SER A 184 27.98 7.86 -12.62
N CYS A 185 27.18 7.15 -13.36
CA CYS A 185 27.52 5.74 -13.69
C CYS A 185 27.03 5.35 -15.03
N VAL A 186 27.37 4.10 -15.42
CA VAL A 186 26.76 3.48 -16.56
C VAL A 186 26.11 2.17 -16.05
N THR A 187 24.79 2.11 -16.12
CA THR A 187 24.10 0.84 -15.65
C THR A 187 24.68 -0.38 -16.40
N PRO A 188 25.14 -1.38 -15.67
CA PRO A 188 25.71 -2.52 -16.39
C PRO A 188 24.76 -3.32 -17.27
N TYR A 189 25.31 -3.86 -18.34
CA TYR A 189 24.59 -4.70 -19.30
C TYR A 189 25.66 -5.44 -20.15
N GLN A 190 25.22 -6.39 -20.98
CA GLN A 190 26.06 -7.04 -21.97
C GLN A 190 25.50 -7.11 -23.37
N LYS A 191 24.18 -7.14 -23.49
CA LYS A 191 23.53 -7.24 -24.80
C LYS A 191 23.42 -5.93 -25.52
N VAL A 192 23.83 -5.89 -26.80
CA VAL A 192 23.83 -4.66 -27.58
C VAL A 192 22.39 -4.00 -27.56
N ALA A 193 21.36 -4.82 -27.59
CA ALA A 193 19.96 -4.35 -27.55
C ALA A 193 19.70 -3.49 -26.26
N ASP A 194 20.38 -3.81 -25.18
CA ASP A 194 20.19 -3.10 -23.92
C ASP A 194 20.84 -1.75 -23.97
N TYR A 195 21.88 -1.57 -24.80
CA TYR A 195 22.43 -0.22 -24.95
C TYR A 195 21.30 0.69 -25.52
N PHE A 196 20.57 0.21 -26.52
CA PHE A 196 19.53 1.05 -27.15
C PHE A 196 18.39 1.25 -26.11
N LYS A 197 18.09 0.21 -25.38
CA LYS A 197 16.99 0.27 -24.38
C LYS A 197 17.28 1.18 -23.27
N ASN A 198 18.54 1.32 -22.87
CA ASN A 198 18.93 2.03 -21.72
C ASN A 198 19.31 3.49 -21.97
N LYS A 199 19.09 3.97 -23.20
CA LYS A 199 19.64 5.24 -23.61
C LYS A 199 19.10 6.43 -22.82
N ASP A 200 17.86 6.37 -22.38
CA ASP A 200 17.36 7.51 -21.63
C ASP A 200 17.49 7.32 -20.10
N PHE A 201 18.28 6.38 -19.57
CA PHE A 201 18.38 6.21 -18.16
C PHE A 201 19.01 7.44 -17.49
N LYS A 202 18.49 7.74 -16.31
CA LYS A 202 18.98 8.80 -15.43
C LYS A 202 20.06 8.30 -14.53
N ASP A 203 21.22 8.06 -15.18
CA ASP A 203 22.33 7.48 -14.48
C ASP A 203 23.25 8.48 -13.79
N LYS A 204 22.82 9.72 -13.52
CA LYS A 204 23.53 10.57 -12.60
C LYS A 204 22.67 10.69 -11.32
N THR A 205 23.32 10.89 -10.20
CA THR A 205 22.65 11.22 -9.01
C THR A 205 23.18 12.57 -8.56
N PHE A 206 22.25 13.52 -8.37
CA PHE A 206 22.62 14.87 -7.87
C PHE A 206 22.30 15.07 -6.42
N PHE A 207 23.12 15.93 -5.77
CA PHE A 207 22.79 16.44 -4.51
C PHE A 207 23.18 17.94 -4.61
N LEU A 208 22.18 18.78 -4.72
CA LEU A 208 22.45 20.19 -5.02
C LEU A 208 22.08 21.08 -3.82
N HIS A 209 22.87 22.14 -3.63
CA HIS A 209 22.72 23.12 -2.52
C HIS A 209 22.20 24.43 -2.99
N GLU A 210 21.23 25.03 -2.25
CA GLU A 210 20.89 26.36 -2.57
C GLU A 210 22.03 27.29 -2.15
N THR A 211 22.53 27.07 -0.94
CA THR A 211 23.59 27.90 -0.33
C THR A 211 24.95 27.28 -0.60
N ALA A 212 25.87 28.10 -1.13
CA ALA A 212 27.27 27.55 -1.35
C ALA A 212 27.88 27.13 -0.04
N PRO A 213 28.52 25.96 -0.01
CA PRO A 213 29.13 25.40 1.18
C PRO A 213 30.64 25.84 1.35
N ALA A 214 31.22 25.57 2.49
CA ALA A 214 32.69 25.82 2.70
C ALA A 214 33.51 24.77 2.02
N ALA A 215 33.01 23.49 1.97
CA ALA A 215 33.80 22.44 1.31
C ALA A 215 32.87 21.28 1.00
N TRP A 216 33.44 20.19 0.51
CA TRP A 216 32.62 19.02 0.01
C TRP A 216 33.50 17.82 0.01
N GLU A 217 32.87 16.62 -0.09
CA GLU A 217 33.65 15.42 -0.31
C GLU A 217 32.78 14.46 -1.10
N VAL A 218 33.33 13.80 -2.12
CA VAL A 218 32.59 12.94 -3.02
C VAL A 218 33.10 11.49 -2.91
N ASN A 219 34.14 11.26 -2.13
CA ASN A 219 34.71 9.89 -2.01
C ASN A 219 34.28 9.27 -0.73
N GLN A 220 33.44 8.21 -0.76
CA GLN A 220 33.00 7.62 0.45
C GLN A 220 34.07 7.20 1.46
N LYS A 221 35.06 6.47 0.96
CA LYS A 221 36.15 5.97 1.82
C LYS A 221 36.92 7.16 2.47
N ASN A 222 37.15 8.22 1.71
CA ASN A 222 37.85 9.41 2.27
C ASN A 222 37.01 10.05 3.35
N PHE A 223 35.69 10.04 3.16
CA PHE A 223 34.78 10.57 4.19
C PHE A 223 34.90 9.81 5.47
N GLU A 224 34.87 8.49 5.41
CA GLU A 224 34.93 7.70 6.64
C GLU A 224 36.31 7.66 7.28
N GLY A 225 37.33 7.33 6.49
CA GLY A 225 38.65 6.98 7.04
C GLY A 225 38.48 5.86 7.98
N GLU A 226 39.31 5.80 9.02
CA GLU A 226 39.22 4.74 10.03
C GLU A 226 38.16 4.97 11.04
N GLY A 227 37.61 6.18 11.12
CA GLY A 227 36.55 6.46 12.09
C GLY A 227 35.19 5.88 11.67
N GLY A 228 34.97 5.60 10.38
CA GLY A 228 33.71 4.95 9.92
C GLY A 228 32.57 5.94 9.96
N LEU A 229 31.33 5.43 9.89
CA LEU A 229 30.18 6.32 9.98
C LEU A 229 29.97 6.91 11.39
N HIS A 230 30.45 6.17 12.41
CA HIS A 230 30.30 6.54 13.80
C HIS A 230 31.01 7.84 14.11
N ASN A 231 32.15 8.05 13.44
CA ASN A 231 33.08 9.16 13.70
C ASN A 231 33.93 9.45 12.50
N PRO A 232 33.31 9.96 11.45
CA PRO A 232 34.01 10.04 10.18
C PRO A 232 35.26 10.87 10.30
N ASN A 233 36.34 10.34 9.74
CA ASN A 233 37.60 11.15 9.68
C ASN A 233 37.50 12.50 9.06
N ALA A 234 36.66 12.63 7.99
CA ALA A 234 36.56 13.89 7.27
C ALA A 234 35.90 14.94 8.16
N ILE A 235 35.08 14.50 9.16
CA ILE A 235 34.41 15.40 10.10
C ILE A 235 35.33 15.75 11.28
N GLN A 236 36.23 14.86 11.63
CA GLN A 236 37.27 15.20 12.65
C GLN A 236 38.20 16.28 12.20
N GLN A 237 38.48 16.42 10.93
CA GLN A 237 39.37 17.46 10.53
C GLN A 237 38.69 18.79 10.45
N GLU A 238 39.48 19.85 10.31
CA GLU A 238 38.87 21.17 10.25
C GLU A 238 37.92 21.40 9.04
N THR A 239 38.37 20.95 7.88
CA THR A 239 37.69 21.20 6.64
C THR A 239 37.66 19.88 5.86
N LEU A 240 36.58 19.61 5.15
CA LEU A 240 36.57 18.46 4.22
C LEU A 240 37.65 18.60 3.16
N GLY A 241 38.17 17.47 2.69
CA GLY A 241 39.24 17.53 1.73
C GLY A 241 38.87 17.78 0.29
N CYS A 242 37.57 17.88 -0.04
CA CYS A 242 37.25 18.20 -1.41
C CYS A 242 37.75 17.15 -2.45
N GLY A 243 37.69 15.87 -2.08
CA GLY A 243 38.05 14.76 -2.95
C GLY A 243 36.95 14.36 -3.92
N ASN A 244 37.35 13.69 -5.00
CA ASN A 244 36.41 13.15 -5.97
C ASN A 244 36.47 11.59 -5.95
N ALA A 245 35.64 11.00 -6.82
CA ALA A 245 35.52 9.54 -6.97
C ALA A 245 35.75 9.20 -8.39
N LEU A 246 36.78 8.36 -8.57
CA LEU A 246 37.23 7.92 -9.92
C LEU A 246 37.27 6.38 -9.93
N TYR A 247 36.15 5.75 -10.41
CA TYR A 247 35.95 4.33 -10.19
C TYR A 247 36.13 3.95 -8.75
N GLU A 248 35.56 4.80 -7.86
CA GLU A 248 35.50 4.59 -6.44
C GLU A 248 34.04 4.88 -6.05
N THR A 249 33.60 4.29 -4.96
CA THR A 249 32.21 4.55 -4.45
C THR A 249 32.05 6.04 -4.09
N PRO A 250 31.12 6.73 -4.77
CA PRO A 250 30.92 8.17 -4.56
C PRO A 250 29.97 8.39 -3.41
N THR A 251 30.01 9.60 -2.88
CA THR A 251 29.11 9.99 -1.84
C THR A 251 28.75 11.50 -2.01
N ALA A 252 27.69 11.95 -1.32
CA ALA A 252 27.35 13.37 -1.29
C ALA A 252 27.51 13.91 0.10
N VAL A 253 28.63 14.62 0.34
CA VAL A 253 28.90 15.24 1.64
C VAL A 253 29.25 16.73 1.45
N LEU A 254 28.58 17.62 2.15
CA LEU A 254 28.97 19.02 2.06
C LEU A 254 29.35 19.46 3.47
N GLN A 255 29.96 20.65 3.59
CA GLN A 255 30.25 21.23 4.93
C GLN A 255 29.93 22.72 4.91
N TYR A 256 29.13 23.10 5.89
CA TYR A 256 28.86 24.55 6.24
C TYR A 256 29.52 24.82 7.62
N ARG A 257 30.15 26.00 7.72
CA ARG A 257 30.73 26.42 8.99
C ARG A 257 30.06 27.72 9.33
N ARG A 258 29.53 27.72 10.54
CA ARG A 258 28.71 28.84 10.99
C ARG A 258 29.02 29.18 12.45
N GLU A 259 29.05 30.49 12.73
CA GLU A 259 28.88 30.94 14.10
C GLU A 259 27.45 31.39 14.26
N LEU A 260 26.72 30.77 15.17
CA LEU A 260 25.36 31.09 15.40
C LEU A 260 25.22 31.83 16.74
N ALA A 261 24.55 33.00 16.67
CA ALA A 261 24.20 33.76 17.92
C ALA A 261 23.20 33.06 18.76
N ALA A 262 23.11 33.47 20.01
CA ALA A 262 22.08 32.97 20.84
C ALA A 262 20.75 33.07 20.19
N GLN A 263 20.01 31.95 20.18
CA GLN A 263 18.67 31.86 19.52
C GLN A 263 18.60 32.02 18.00
N GLU A 264 19.74 32.12 17.32
CA GLU A 264 19.77 32.30 15.90
C GLU A 264 19.49 30.88 15.21
N GLN A 265 18.71 30.96 14.16
CA GLN A 265 18.35 29.80 13.32
C GLN A 265 18.71 30.14 11.95
N GLN A 266 19.23 29.12 11.24
CA GLN A 266 19.43 29.27 9.84
C GLN A 266 18.83 28.09 9.06
N THR A 267 18.43 28.40 7.85
CA THR A 267 17.76 27.41 6.95
C THR A 267 18.64 27.10 5.77
N PHE A 268 18.72 25.81 5.37
CA PHE A 268 19.53 25.38 4.24
C PHE A 268 18.68 24.44 3.38
N ARG A 269 18.66 24.63 2.08
CA ARG A 269 17.84 23.77 1.19
C ARG A 269 18.74 22.98 0.31
N PHE A 270 18.27 21.80 -0.07
CA PHE A 270 18.96 20.88 -0.95
C PHE A 270 17.93 20.13 -1.79
N ILE A 271 18.35 19.66 -2.95
CA ILE A 271 17.50 18.66 -3.69
C ILE A 271 18.41 17.42 -3.95
N PHE A 272 17.76 16.26 -4.04
CA PHE A 272 18.46 14.97 -4.21
C PHE A 272 17.65 14.13 -5.16
N GLY A 273 18.30 13.52 -6.12
CA GLY A 273 17.59 12.76 -7.12
C GLY A 273 18.39 12.26 -8.31
N PRO A 274 17.72 11.72 -9.31
CA PRO A 274 18.33 11.18 -10.50
C PRO A 274 18.30 12.23 -11.58
N ALA A 275 19.27 12.19 -12.49
CA ALA A 275 19.24 12.95 -13.69
C ALA A 275 19.88 12.33 -14.86
N PHE A 276 19.39 12.63 -16.06
CA PHE A 276 20.06 12.17 -17.27
C PHE A 276 21.45 12.81 -17.39
N ASP A 277 21.49 14.10 -17.07
CA ASP A 277 22.69 14.93 -17.34
C ASP A 277 22.65 16.12 -16.40
N GLU A 278 23.73 16.89 -16.42
CA GLU A 278 23.75 18.12 -15.60
C GLU A 278 22.68 19.07 -16.02
N SER A 279 22.34 19.16 -17.30
CA SER A 279 21.26 20.07 -17.67
C SER A 279 19.96 19.77 -16.98
N GLU A 280 19.64 18.47 -16.86
CA GLU A 280 18.42 18.13 -16.18
C GLU A 280 18.49 18.51 -14.69
N ALA A 281 19.63 18.31 -14.08
CA ALA A 281 19.78 18.60 -12.69
C ALA A 281 19.57 20.13 -12.49
N ILE A 282 20.14 20.91 -13.42
CA ILE A 282 20.02 22.39 -13.34
C ILE A 282 18.52 22.82 -13.56
N ALA A 283 17.85 22.16 -14.45
CA ALA A 283 16.40 22.42 -14.71
C ALA A 283 15.62 22.19 -13.40
N LEU A 284 15.91 21.09 -12.67
CA LEU A 284 15.29 20.82 -11.37
C LEU A 284 15.66 21.87 -10.34
N ARG A 285 16.93 22.27 -10.34
CA ARG A 285 17.39 23.34 -9.46
C ARG A 285 16.59 24.61 -9.70
N ASN A 286 16.54 25.08 -10.91
CA ASN A 286 15.85 26.36 -11.20
C ASN A 286 14.35 26.25 -10.80
N LYS A 287 13.77 25.06 -11.10
CA LYS A 287 12.33 24.88 -10.80
C LYS A 287 12.05 24.81 -9.33
N TYR A 288 12.86 24.15 -8.52
CA TYR A 288 12.50 23.82 -7.13
C TYR A 288 13.34 24.44 -6.04
N LEU A 289 14.65 24.69 -6.29
CA LEU A 289 15.56 24.86 -5.19
C LEU A 289 15.61 26.31 -4.69
N SER A 290 14.57 26.66 -3.94
CA SER A 290 14.38 28.02 -3.42
C SER A 290 13.23 27.97 -2.45
N ALA A 291 13.07 29.02 -1.61
CA ALA A 291 11.84 29.12 -0.77
C ALA A 291 10.61 29.11 -1.61
N GLU A 292 10.59 29.81 -2.73
CA GLU A 292 9.44 29.90 -3.57
C GLU A 292 9.10 28.52 -4.27
N GLY A 293 10.17 27.85 -4.69
CA GLY A 293 10.05 26.50 -5.27
C GLY A 293 9.51 25.51 -4.33
N PHE A 294 10.00 25.49 -3.14
CA PHE A 294 9.54 24.55 -2.09
C PHE A 294 8.10 24.89 -1.75
N ALA A 295 7.79 26.16 -1.53
CA ALA A 295 6.39 26.55 -1.24
C ALA A 295 5.40 26.14 -2.32
N LYS A 296 5.71 26.42 -3.55
CA LYS A 296 4.82 26.10 -4.63
C LYS A 296 4.64 24.57 -4.75
N ALA A 297 5.74 23.85 -4.67
CA ALA A 297 5.63 22.36 -4.64
C ALA A 297 4.80 21.85 -3.52
N LYS A 298 4.92 22.36 -2.31
CA LYS A 298 4.15 21.94 -1.18
C LYS A 298 2.66 22.26 -1.35
N SER A 299 2.38 23.45 -1.85
CA SER A 299 0.99 23.86 -2.09
C SER A 299 0.32 22.92 -3.12
N GLU A 300 1.01 22.63 -4.20
CA GLU A 300 0.51 21.73 -5.26
C GLU A 300 0.41 20.31 -4.75
N TYR A 301 1.35 19.89 -3.94
CA TYR A 301 1.29 18.51 -3.37
C TYR A 301 0.11 18.35 -2.39
N GLN A 302 -0.07 19.35 -1.54
CA GLN A 302 -1.23 19.31 -0.64
C GLN A 302 -2.55 19.28 -1.39
N THR A 303 -2.61 20.00 -2.48
CA THR A 303 -3.80 19.99 -3.30
C THR A 303 -4.09 18.61 -3.90
N TYR A 304 -3.01 18.00 -4.35
CA TYR A 304 -3.09 16.56 -4.82
C TYR A 304 -3.61 15.66 -3.79
N ILE A 305 -3.13 15.70 -2.57
CA ILE A 305 -3.56 14.77 -1.52
C ILE A 305 -5.02 15.09 -1.18
N THR A 306 -5.34 16.41 -1.13
CA THR A 306 -6.75 16.83 -0.85
C THR A 306 -7.67 16.33 -1.94
N SER A 307 -7.20 16.30 -3.19
CA SER A 307 -7.99 15.81 -4.29
C SER A 307 -8.39 14.33 -4.12
N GLY A 308 -7.57 13.56 -3.42
CA GLY A 308 -7.84 12.18 -3.07
C GLY A 308 -8.39 11.92 -1.72
N LYS A 309 -9.06 12.92 -1.10
CA LYS A 309 -9.39 12.75 0.35
C LYS A 309 -10.54 11.77 0.51
N GLY A 310 -11.25 11.52 -0.54
CA GLY A 310 -12.30 10.47 -0.48
C GLY A 310 -13.64 10.96 0.09
N CYS A 311 -14.45 10.01 0.51
CA CYS A 311 -15.88 10.28 0.65
C CYS A 311 -16.42 10.08 2.07
N LEU A 312 -15.58 9.81 3.05
CA LEU A 312 -16.06 9.52 4.41
C LEU A 312 -15.25 10.12 5.46
N GLN A 313 -15.85 10.90 6.36
CA GLN A 313 -15.14 11.32 7.54
C GLN A 313 -15.98 10.82 8.70
N ILE A 314 -15.35 10.43 9.79
CA ILE A 314 -16.08 9.72 10.90
C ILE A 314 -15.78 10.38 12.22
N ASN A 315 -16.73 10.25 13.17
CA ASN A 315 -16.46 10.69 14.55
C ASN A 315 -17.13 9.68 15.43
N THR A 316 -16.36 8.69 15.87
CA THR A 316 -16.83 7.58 16.68
C THR A 316 -16.28 7.76 18.08
N PRO A 317 -16.70 6.89 18.98
CA PRO A 317 -16.10 6.91 20.30
C PRO A 317 -14.67 6.35 20.36
N ASP A 318 -14.13 5.83 19.25
CA ASP A 318 -12.74 5.29 19.22
C ASP A 318 -11.82 6.35 18.49
N PRO A 319 -11.02 7.15 19.24
CA PRO A 319 -10.29 8.24 18.59
C PRO A 319 -9.09 7.70 17.73
N GLU A 320 -8.61 6.50 18.06
CA GLU A 320 -7.59 5.81 17.17
C GLU A 320 -8.22 5.46 15.82
N LEU A 321 -9.44 4.88 15.83
CA LEU A 321 -10.08 4.62 14.58
C LEU A 321 -10.36 5.89 13.82
N ASN A 322 -10.89 6.90 14.52
CA ASN A 322 -11.14 8.16 13.82
C ASN A 322 -9.90 8.69 13.06
N ASN A 323 -8.82 8.77 13.77
CA ASN A 323 -7.55 9.31 13.19
C ASN A 323 -7.13 8.50 11.97
N PHE A 324 -7.18 7.18 12.08
CA PHE A 324 -6.73 6.33 10.96
C PHE A 324 -7.60 6.53 9.73
N VAL A 325 -8.93 6.38 9.94
CA VAL A 325 -9.90 6.48 8.88
C VAL A 325 -9.91 7.82 8.24
N ASN A 326 -9.88 8.88 9.04
CA ASN A 326 -9.98 10.20 8.48
C ASN A 326 -8.74 10.72 7.78
N HIS A 327 -7.59 10.38 8.32
CA HIS A 327 -6.33 11.05 7.91
C HIS A 327 -5.33 10.19 7.13
N TRP A 328 -5.41 8.89 7.32
CA TRP A 328 -4.36 7.94 6.80
C TRP A 328 -4.91 7.00 5.73
N LEU A 329 -6.12 6.42 5.95
CA LEU A 329 -6.72 5.52 5.02
C LEU A 329 -6.90 6.05 3.63
N PRO A 330 -7.49 7.27 3.45
CA PRO A 330 -7.80 7.72 2.15
C PRO A 330 -6.50 7.88 1.32
N ARG A 331 -5.47 8.50 1.88
CA ARG A 331 -4.25 8.67 1.07
C ARG A 331 -3.65 7.34 0.68
N GLN A 332 -3.68 6.37 1.57
CA GLN A 332 -3.19 4.99 1.15
C GLN A 332 -4.01 4.36 0.07
N VAL A 333 -5.34 4.46 0.14
CA VAL A 333 -6.13 4.04 -0.97
C VAL A 333 -5.83 4.76 -2.29
N PHE A 334 -5.73 6.07 -2.25
CA PHE A 334 -5.50 6.91 -3.37
C PHE A 334 -4.15 6.59 -4.10
N TYR A 335 -3.14 6.32 -3.31
CA TYR A 335 -1.80 5.94 -3.86
C TYR A 335 -1.95 4.77 -4.79
N HIS A 336 -2.67 3.70 -4.32
CA HIS A 336 -2.77 2.47 -5.15
C HIS A 336 -3.35 2.69 -6.50
N GLY A 337 -4.53 3.31 -6.60
CA GLY A 337 -5.15 3.48 -7.89
C GLY A 337 -4.60 4.65 -8.71
N ASP A 338 -4.05 5.68 -8.02
CA ASP A 338 -3.58 6.81 -8.80
C ASP A 338 -2.29 6.46 -9.58
N VAL A 339 -1.40 5.71 -8.95
CA VAL A 339 -0.13 5.34 -9.63
C VAL A 339 0.05 3.85 -9.89
N ASN A 340 -0.92 3.00 -9.48
CA ASN A 340 -0.86 1.58 -9.71
C ASN A 340 0.43 0.91 -9.25
N ARG A 341 0.86 1.26 -8.05
CA ARG A 341 1.98 0.71 -7.39
C ARG A 341 3.32 0.88 -8.16
N LEU A 342 3.38 1.81 -9.12
CA LEU A 342 4.63 2.10 -9.85
C LEU A 342 5.21 0.82 -10.48
N THR A 343 4.35 0.11 -11.22
CA THR A 343 4.74 -0.95 -12.14
C THR A 343 4.09 -0.67 -13.49
N THR A 344 4.78 -0.99 -14.60
CA THR A 344 4.23 -0.89 -15.88
C THR A 344 3.34 -2.11 -16.28
N ASP A 345 3.35 -3.15 -15.48
CA ASP A 345 2.53 -4.36 -15.69
C ASP A 345 1.91 -4.80 -14.37
N PRO A 346 1.00 -3.98 -13.84
CA PRO A 346 0.28 -4.39 -12.61
C PRO A 346 -0.36 -5.78 -12.80
N GLN A 347 -0.28 -6.57 -11.80
CA GLN A 347 -0.97 -7.85 -11.75
C GLN A 347 -2.49 -7.52 -11.94
N THR A 348 -3.15 -8.26 -12.75
CA THR A 348 -4.53 -7.92 -13.11
C THR A 348 -5.41 -7.78 -11.88
N ARG A 349 -5.34 -8.70 -10.92
CA ARG A 349 -6.19 -8.65 -9.74
C ARG A 349 -5.86 -7.45 -8.91
N ASN A 350 -4.60 -6.96 -8.97
CA ASN A 350 -4.23 -5.75 -8.26
C ASN A 350 -4.75 -4.53 -9.01
N TYR A 351 -4.63 -4.46 -10.33
CA TYR A 351 -5.13 -3.35 -11.06
C TYR A 351 -6.63 -3.16 -10.83
N ILE A 352 -7.36 -4.27 -10.85
CA ILE A 352 -8.82 -4.18 -10.68
C ILE A 352 -9.19 -3.83 -9.25
N GLN A 353 -8.60 -4.40 -8.21
CA GLN A 353 -8.93 -4.15 -6.85
C GLN A 353 -8.53 -2.73 -6.44
N ASP A 354 -7.30 -2.35 -6.79
CA ASP A 354 -6.85 -0.98 -6.50
C ASP A 354 -7.73 0.07 -7.12
N ASN A 355 -8.14 -0.10 -8.35
CA ASN A 355 -9.03 0.84 -8.97
C ASN A 355 -10.45 0.73 -8.42
N MET A 356 -10.81 -0.43 -7.93
CA MET A 356 -12.11 -0.46 -7.15
C MET A 356 -12.15 0.55 -6.01
N GLY A 357 -11.07 0.65 -5.29
CA GLY A 357 -10.94 1.61 -4.19
C GLY A 357 -11.11 3.03 -4.67
N MET A 358 -10.72 3.31 -5.92
CA MET A 358 -10.83 4.63 -6.46
C MET A 358 -12.27 5.03 -6.71
N SER A 359 -13.20 4.07 -6.69
CA SER A 359 -14.61 4.36 -6.86
C SER A 359 -15.06 5.36 -5.83
N TYR A 360 -14.47 5.38 -4.67
CA TYR A 360 -14.83 6.18 -3.53
C TYR A 360 -13.98 7.49 -3.44
N ILE A 361 -13.12 7.73 -4.44
CA ILE A 361 -12.10 8.82 -4.40
C ILE A 361 -12.18 9.63 -5.68
N LYS A 362 -11.94 9.01 -6.84
CA LYS A 362 -12.03 9.59 -8.13
C LYS A 362 -12.52 8.51 -9.08
N PRO A 363 -13.86 8.35 -9.14
CA PRO A 363 -14.40 7.19 -9.88
C PRO A 363 -14.18 7.27 -11.35
N ASN A 364 -13.86 8.42 -11.94
CA ASN A 364 -13.53 8.40 -13.36
C ASN A 364 -12.24 7.62 -13.66
N ILE A 365 -11.37 7.58 -12.66
CA ILE A 365 -10.17 6.72 -12.76
C ILE A 365 -10.56 5.24 -12.83
N THR A 366 -11.48 4.87 -11.97
CA THR A 366 -12.01 3.48 -11.94
C THR A 366 -12.56 3.17 -13.32
N ARG A 367 -13.38 4.05 -13.84
CA ARG A 367 -14.08 3.81 -15.07
C ARG A 367 -13.06 3.55 -16.21
N GLN A 368 -12.03 4.38 -16.25
CA GLN A 368 -11.02 4.24 -17.29
C GLN A 368 -10.21 2.90 -17.06
N ALA A 369 -10.01 2.50 -15.82
CA ALA A 369 -9.25 1.29 -15.51
C ALA A 369 -10.04 0.08 -16.06
N PHE A 370 -11.38 0.11 -15.97
CA PHE A 370 -12.13 -1.02 -16.55
C PHE A 370 -12.01 -1.05 -18.02
N LEU A 371 -12.07 0.11 -18.65
CA LEU A 371 -11.94 0.21 -20.06
C LEU A 371 -10.54 -0.30 -20.54
N HIS A 372 -9.53 0.16 -19.79
CA HIS A 372 -8.16 -0.23 -20.13
C HIS A 372 -7.91 -1.74 -19.96
N ALA A 373 -8.33 -2.26 -18.84
CA ALA A 373 -8.18 -3.69 -18.53
C ALA A 373 -8.91 -4.56 -19.59
N LEU A 374 -10.17 -4.21 -19.88
CA LEU A 374 -10.89 -5.02 -20.84
C LEU A 374 -10.38 -4.97 -22.25
N SER A 375 -9.71 -3.86 -22.67
CA SER A 375 -9.09 -3.73 -23.94
C SER A 375 -7.98 -4.80 -24.16
N GLN A 376 -7.49 -5.34 -23.06
CA GLN A 376 -6.43 -6.38 -23.09
C GLN A 376 -6.94 -7.78 -22.83
N GLN A 377 -8.26 -7.94 -22.71
CA GLN A 377 -8.84 -9.28 -22.60
C GLN A 377 -8.54 -10.07 -23.86
N GLU A 378 -8.34 -11.36 -23.66
CA GLU A 378 -8.04 -12.24 -24.77
C GLU A 378 -9.37 -12.60 -25.46
N GLU A 379 -9.25 -12.93 -26.73
CA GLU A 379 -10.40 -13.35 -27.55
C GLU A 379 -11.16 -14.50 -26.99
N SER A 380 -10.49 -15.35 -26.23
CA SER A 380 -11.20 -16.42 -25.54
C SER A 380 -12.14 -16.01 -24.45
N GLY A 381 -12.05 -14.75 -24.03
CA GLY A 381 -12.66 -14.33 -22.77
C GLY A 381 -11.72 -14.29 -21.60
N ALA A 382 -10.60 -15.04 -21.65
CA ALA A 382 -9.72 -15.09 -20.49
C ALA A 382 -9.10 -13.67 -20.35
N MET A 383 -8.70 -13.35 -19.14
CA MET A 383 -7.94 -12.10 -18.87
C MET A 383 -6.46 -12.45 -18.67
N PRO A 384 -5.58 -11.57 -19.16
CA PRO A 384 -4.13 -11.80 -18.97
C PRO A 384 -3.74 -11.67 -17.56
N ASP A 385 -2.53 -12.16 -17.19
CA ASP A 385 -2.14 -12.17 -15.85
C ASP A 385 -1.77 -10.74 -15.33
N GLY A 386 -1.36 -9.93 -16.25
CA GLY A 386 -1.10 -8.53 -15.99
C GLY A 386 -1.75 -7.65 -17.00
N ILE A 387 -1.84 -6.32 -16.66
CA ILE A 387 -2.31 -5.31 -17.55
C ILE A 387 -1.15 -4.34 -17.88
N LEU A 388 -0.87 -4.18 -19.12
CA LEU A 388 0.21 -3.29 -19.58
C LEU A 388 -0.26 -1.83 -19.56
N LEU A 389 0.52 -0.97 -18.94
CA LEU A 389 0.16 0.49 -18.80
C LEU A 389 0.97 1.32 -19.73
N LEU A 390 1.91 0.73 -20.48
CA LEU A 390 2.73 1.48 -21.43
C LEU A 390 3.00 0.65 -22.68
N GLU A 391 2.99 1.27 -23.86
CA GLU A 391 3.38 0.61 -25.06
C GLU A 391 4.85 0.07 -24.92
N GLY A 392 5.06 -1.18 -25.28
CA GLY A 392 6.34 -1.75 -25.19
C GLY A 392 6.58 -2.42 -23.87
N ALA A 393 5.74 -2.19 -22.83
CA ALA A 393 6.03 -2.85 -21.56
C ALA A 393 5.78 -4.36 -21.71
N GLU A 394 6.32 -5.16 -20.78
CA GLU A 394 6.14 -6.63 -20.77
C GLU A 394 5.69 -7.10 -19.44
N LEU A 395 5.11 -8.30 -19.46
CA LEU A 395 4.76 -8.96 -18.25
C LEU A 395 6.04 -9.46 -17.60
N LYS A 396 6.14 -9.27 -16.30
CA LYS A 396 7.32 -9.58 -15.50
C LYS A 396 7.03 -10.41 -14.29
N TYR A 397 8.05 -11.13 -13.83
CA TYR A 397 8.01 -11.87 -12.60
C TYR A 397 6.82 -12.82 -12.48
N ILE A 398 5.95 -12.65 -11.44
CA ILE A 398 4.84 -13.64 -11.31
C ILE A 398 3.91 -13.59 -12.47
N ASN A 399 3.79 -12.43 -13.16
CA ASN A 399 2.92 -12.31 -14.32
C ASN A 399 3.25 -13.24 -15.51
N GLN A 400 4.47 -13.82 -15.50
CA GLN A 400 4.83 -14.80 -16.51
C GLN A 400 4.43 -16.24 -16.10
N ILE A 401 3.95 -16.44 -14.89
CA ILE A 401 3.65 -17.79 -14.37
C ILE A 401 2.12 -17.94 -14.39
N PRO A 402 1.61 -18.99 -15.05
CA PRO A 402 0.14 -18.96 -15.36
C PRO A 402 -0.68 -19.14 -14.12
N HIS A 403 -1.51 -18.09 -13.86
CA HIS A 403 -2.52 -18.12 -12.79
C HIS A 403 -3.89 -17.98 -13.46
N THR A 404 -4.91 -18.40 -12.72
CA THR A 404 -6.18 -18.64 -13.40
C THR A 404 -7.34 -17.74 -12.91
N ASP A 405 -7.12 -16.89 -11.93
CA ASP A 405 -8.24 -16.23 -11.23
C ASP A 405 -8.63 -14.83 -11.76
N HIS A 406 -7.95 -14.36 -12.77
CA HIS A 406 -7.92 -12.95 -13.19
C HIS A 406 -9.33 -12.42 -13.55
N CYS A 407 -10.15 -13.27 -14.21
CA CYS A 407 -11.56 -12.84 -14.53
C CYS A 407 -12.46 -12.61 -13.33
N VAL A 408 -12.23 -13.24 -12.21
CA VAL A 408 -13.18 -13.25 -11.12
C VAL A 408 -13.37 -11.82 -10.63
N TRP A 409 -12.27 -11.06 -10.63
CA TRP A 409 -12.29 -9.71 -10.10
C TRP A 409 -13.17 -8.75 -10.86
N LEU A 410 -13.44 -9.01 -12.12
CA LEU A 410 -14.11 -8.06 -12.94
C LEU A 410 -15.51 -7.75 -12.29
N PRO A 411 -16.39 -8.73 -12.16
CA PRO A 411 -17.72 -8.33 -11.57
C PRO A 411 -17.74 -8.11 -10.14
N VAL A 412 -16.81 -8.72 -9.41
CA VAL A 412 -16.66 -8.52 -8.02
C VAL A 412 -16.42 -7.03 -7.75
N CYS A 413 -15.47 -6.49 -8.47
CA CYS A 413 -15.10 -5.09 -8.21
C CYS A 413 -15.98 -4.12 -9.01
N MET A 414 -16.45 -4.44 -10.18
CA MET A 414 -17.36 -3.59 -10.89
C MET A 414 -18.62 -3.37 -10.07
N GLN A 415 -18.99 -4.31 -9.21
CA GLN A 415 -20.21 -4.11 -8.38
C GLN A 415 -20.08 -2.84 -7.53
N ALA A 416 -18.91 -2.65 -6.94
CA ALA A 416 -18.64 -1.48 -6.11
C ALA A 416 -18.74 -0.22 -6.96
N TYR A 417 -18.22 -0.20 -8.18
CA TYR A 417 -18.27 0.90 -9.03
C TYR A 417 -19.73 1.26 -9.40
N LEU A 418 -20.48 0.22 -9.78
CA LEU A 418 -21.90 0.48 -10.22
C LEU A 418 -22.74 0.94 -9.01
N ASP A 419 -22.55 0.39 -7.81
CA ASP A 419 -23.32 0.77 -6.67
C ASP A 419 -22.98 2.21 -6.29
N GLU A 420 -21.68 2.55 -6.31
CA GLU A 420 -21.33 3.90 -5.98
C GLU A 420 -21.74 4.99 -6.95
N THR A 421 -21.57 4.80 -8.26
CA THR A 421 -21.74 5.83 -9.23
C THR A 421 -23.04 5.77 -9.97
N ASN A 422 -23.61 4.59 -10.02
CA ASN A 422 -24.81 4.35 -10.92
C ASN A 422 -24.48 4.41 -12.35
N ASP A 423 -23.16 4.23 -12.74
CA ASP A 423 -22.77 4.35 -14.10
C ASP A 423 -22.90 3.01 -14.85
N TYR A 424 -24.15 2.54 -15.03
CA TYR A 424 -24.43 1.46 -15.93
C TYR A 424 -24.13 1.78 -17.34
N ALA A 425 -24.09 3.07 -17.74
CA ALA A 425 -23.78 3.41 -19.10
C ALA A 425 -22.34 3.00 -19.52
N LEU A 426 -21.50 2.74 -18.54
CA LEU A 426 -20.10 2.22 -18.80
C LEU A 426 -20.26 0.91 -19.57
N LEU A 427 -21.31 0.15 -19.26
CA LEU A 427 -21.52 -1.12 -19.91
C LEU A 427 -21.70 -1.08 -21.33
N ASP A 428 -22.06 0.07 -21.87
CA ASP A 428 -22.22 0.22 -23.32
C ASP A 428 -21.02 0.71 -24.14
N GLU A 429 -19.97 1.04 -23.43
CA GLU A 429 -18.76 1.53 -24.10
C GLU A 429 -18.14 0.37 -24.89
N ILE A 430 -17.62 0.69 -26.04
CA ILE A 430 -17.06 -0.29 -27.01
C ILE A 430 -15.51 -0.34 -26.84
N VAL A 431 -14.95 -1.53 -26.61
CA VAL A 431 -13.49 -1.64 -26.54
C VAL A 431 -13.04 -2.87 -27.29
N PRO A 432 -11.82 -2.82 -27.82
CA PRO A 432 -11.26 -3.99 -28.53
C PRO A 432 -10.83 -5.09 -27.55
N TYR A 433 -10.25 -6.15 -28.14
CA TYR A 433 -9.63 -7.18 -27.39
C TYR A 433 -8.12 -7.11 -27.62
N ALA A 434 -7.38 -7.96 -26.93
CA ALA A 434 -5.90 -7.96 -27.07
C ALA A 434 -5.41 -8.29 -28.45
N SER A 435 -6.13 -9.13 -29.16
CA SER A 435 -5.79 -9.49 -30.56
C SER A 435 -7.07 -9.58 -31.36
N GLY A 436 -6.98 -9.64 -32.68
CA GLY A 436 -8.23 -9.68 -33.50
C GLY A 436 -8.82 -8.27 -33.65
N GLU A 437 -9.90 -8.21 -34.41
CA GLU A 437 -10.51 -7.00 -34.89
C GLU A 437 -11.85 -6.75 -34.18
N LYS A 438 -12.22 -7.60 -33.24
CA LYS A 438 -13.56 -7.57 -32.65
C LYS A 438 -13.52 -6.36 -31.68
N ARG A 439 -14.51 -5.51 -31.77
CA ARG A 439 -14.75 -4.42 -30.79
C ARG A 439 -16.19 -4.67 -30.28
N GLU A 440 -16.35 -4.77 -28.97
CA GLU A 440 -17.59 -5.15 -28.35
C GLU A 440 -17.81 -4.24 -27.11
N THR A 441 -19.03 -4.27 -26.63
CA THR A 441 -19.33 -3.51 -25.45
C THR A 441 -18.66 -4.08 -24.23
N VAL A 442 -18.42 -3.24 -23.22
CA VAL A 442 -18.05 -3.73 -21.89
C VAL A 442 -18.86 -4.88 -21.46
N GLU A 443 -20.20 -4.72 -21.58
CA GLU A 443 -21.12 -5.79 -21.10
C GLU A 443 -20.78 -7.14 -21.83
N GLN A 444 -20.57 -7.12 -23.13
CA GLN A 444 -20.24 -8.34 -23.90
C GLN A 444 -18.86 -8.88 -23.48
N HIS A 445 -17.89 -8.00 -23.24
CA HIS A 445 -16.62 -8.46 -22.63
C HIS A 445 -16.81 -9.13 -21.34
N MET A 446 -17.68 -8.61 -20.47
CA MET A 446 -17.89 -9.20 -19.22
C MET A 446 -18.56 -10.60 -19.31
N HIS A 447 -19.58 -10.71 -20.18
CA HIS A 447 -20.24 -12.03 -20.49
C HIS A 447 -19.11 -13.01 -20.87
N HIS A 448 -18.22 -12.58 -21.77
CA HIS A 448 -17.12 -13.46 -22.22
C HIS A 448 -16.15 -13.86 -21.05
N ALA A 449 -15.86 -12.96 -20.09
CA ALA A 449 -15.13 -13.31 -18.92
C ALA A 449 -15.81 -14.32 -18.08
N MET A 450 -17.13 -14.21 -17.90
CA MET A 450 -17.77 -15.15 -17.10
C MET A 450 -17.92 -16.55 -17.84
N ARG A 451 -18.08 -16.51 -19.13
CA ARG A 451 -18.13 -17.78 -19.96
C ARG A 451 -16.75 -18.47 -19.89
N TRP A 452 -15.70 -17.64 -19.83
CA TRP A 452 -14.37 -18.19 -19.61
C TRP A 452 -14.27 -18.93 -18.32
N LEU A 453 -14.65 -18.31 -17.18
CA LEU A 453 -14.56 -18.95 -15.88
C LEU A 453 -15.39 -20.29 -15.87
N LEU A 454 -16.52 -20.26 -16.58
CA LEU A 454 -17.39 -21.50 -16.58
C LEU A 454 -16.71 -22.62 -17.42
N GLN A 455 -16.00 -22.23 -18.45
CA GLN A 455 -15.38 -23.16 -19.35
C GLN A 455 -14.07 -23.72 -18.73
N ALA A 456 -13.44 -22.96 -17.82
CA ALA A 456 -12.08 -23.31 -17.27
C ALA A 456 -12.23 -24.12 -15.99
N ARG A 457 -13.03 -25.25 -16.10
CA ARG A 457 -13.36 -26.05 -15.02
C ARG A 457 -13.24 -27.54 -15.53
N ASP A 458 -12.98 -28.37 -14.61
CA ASP A 458 -12.72 -29.83 -14.92
C ASP A 458 -14.05 -30.54 -14.98
N GLU A 459 -13.97 -31.86 -15.21
CA GLU A 459 -15.18 -32.69 -15.27
C GLU A 459 -16.04 -32.69 -14.02
N ARG A 460 -15.48 -32.46 -12.88
CA ARG A 460 -16.24 -32.29 -11.68
C ARG A 460 -16.95 -30.91 -11.53
N GLY A 461 -16.67 -29.99 -12.41
CA GLY A 461 -17.23 -28.63 -12.33
C GLY A 461 -16.39 -27.67 -11.43
N LEU A 462 -15.12 -27.94 -11.21
CA LEU A 462 -14.27 -27.14 -10.33
C LEU A 462 -13.23 -26.41 -11.15
N SER A 463 -12.88 -25.16 -10.71
CA SER A 463 -11.98 -24.33 -11.45
C SER A 463 -10.50 -24.80 -11.46
N PHE A 464 -9.94 -24.89 -12.64
CA PHE A 464 -8.46 -25.26 -12.76
C PHE A 464 -7.66 -24.16 -12.06
N ILE A 465 -6.58 -24.59 -11.40
CA ILE A 465 -5.68 -23.67 -10.65
C ILE A 465 -4.35 -23.42 -11.41
N ALA A 466 -3.95 -24.31 -12.36
CA ALA A 466 -2.69 -24.16 -13.05
C ALA A 466 -1.57 -23.89 -12.02
N GLN A 467 -0.77 -22.81 -12.16
CA GLN A 467 0.31 -22.52 -11.25
C GLN A 467 -0.04 -21.40 -10.23
N GLY A 468 -1.34 -21.20 -10.01
CA GLY A 468 -1.78 -20.43 -8.86
C GLY A 468 -3.08 -19.63 -9.13
N ASP A 469 -3.60 -19.18 -8.04
CA ASP A 469 -4.84 -18.35 -8.03
C ASP A 469 -4.55 -17.05 -7.28
N TRP A 470 -5.50 -16.52 -6.46
CA TRP A 470 -5.19 -15.34 -5.62
C TRP A 470 -3.90 -15.53 -4.81
N CYS A 471 -3.65 -16.75 -4.35
CA CYS A 471 -2.41 -17.09 -3.67
C CYS A 471 -1.29 -17.27 -4.64
N ASP A 472 -0.49 -16.21 -4.82
CA ASP A 472 0.50 -16.20 -5.91
C ASP A 472 1.42 -17.43 -5.91
N PRO A 473 1.97 -17.76 -4.77
CA PRO A 473 3.01 -18.87 -4.71
C PRO A 473 2.38 -20.24 -4.55
N MET A 474 1.04 -20.38 -4.72
CA MET A 474 0.42 -21.73 -4.65
C MET A 474 0.52 -22.40 -6.00
N ASN A 475 1.76 -22.87 -6.37
CA ASN A 475 2.00 -23.18 -7.71
C ASN A 475 2.10 -24.71 -8.16
N MET A 476 1.98 -25.59 -7.25
CA MET A 476 2.18 -27.05 -7.52
C MET A 476 0.91 -27.86 -7.28
N VAL A 477 -0.22 -27.20 -7.07
CA VAL A 477 -1.51 -27.91 -6.96
C VAL A 477 -1.99 -28.35 -8.30
N GLY A 478 -1.76 -27.55 -9.37
CA GLY A 478 -2.29 -27.81 -10.67
C GLY A 478 -1.37 -27.70 -11.77
N TYR A 479 -0.06 -27.71 -11.44
CA TYR A 479 0.90 -27.48 -12.53
C TYR A 479 0.96 -28.54 -13.63
N LYS A 480 0.43 -29.71 -13.31
CA LYS A 480 0.30 -30.80 -14.30
C LYS A 480 -0.99 -30.76 -15.11
N GLY A 481 -1.88 -29.77 -14.87
CA GLY A 481 -3.00 -29.56 -15.73
C GLY A 481 -4.32 -30.13 -15.26
N LYS A 482 -4.38 -30.71 -14.07
CA LYS A 482 -5.58 -31.35 -13.54
C LYS A 482 -6.02 -30.72 -12.26
N GLY A 483 -5.09 -30.15 -11.43
CA GLY A 483 -5.46 -29.66 -10.16
C GLY A 483 -6.44 -28.42 -10.22
N VAL A 484 -7.22 -28.31 -9.17
CA VAL A 484 -8.33 -27.39 -9.11
C VAL A 484 -8.30 -26.63 -7.82
N SER A 485 -8.88 -25.40 -7.89
CA SER A 485 -8.88 -24.56 -6.71
C SER A 485 -10.30 -24.44 -6.04
N GLY A 486 -10.30 -24.72 -4.74
CA GLY A 486 -11.45 -24.58 -3.81
C GLY A 486 -11.87 -23.12 -3.77
N TRP A 487 -10.89 -22.22 -3.58
CA TRP A 487 -11.17 -20.76 -3.51
C TRP A 487 -11.68 -20.26 -4.80
N LEU A 488 -11.08 -20.59 -5.96
CA LEU A 488 -11.49 -20.02 -7.16
C LEU A 488 -12.90 -20.49 -7.53
N SER A 489 -13.21 -21.75 -7.14
CA SER A 489 -14.57 -22.25 -7.45
C SER A 489 -15.60 -21.42 -6.71
N VAL A 490 -15.44 -21.23 -5.45
CA VAL A 490 -16.46 -20.54 -4.67
C VAL A 490 -16.47 -19.06 -5.02
N ALA A 491 -15.31 -18.52 -5.41
CA ALA A 491 -15.32 -17.14 -5.89
C ALA A 491 -15.94 -16.97 -7.21
N THR A 492 -15.82 -17.95 -8.10
CA THR A 492 -16.46 -17.90 -9.35
C THR A 492 -17.99 -17.86 -9.14
N ALA A 493 -18.44 -18.60 -8.20
CA ALA A 493 -19.95 -18.63 -7.96
C ALA A 493 -20.43 -17.24 -7.53
N TYR A 494 -19.67 -16.61 -6.68
CA TYR A 494 -19.91 -15.18 -6.31
C TYR A 494 -19.91 -14.24 -7.48
N ALA A 495 -18.85 -14.27 -8.26
CA ALA A 495 -18.78 -13.47 -9.44
C ALA A 495 -19.96 -13.66 -10.36
N LEU A 496 -20.34 -14.92 -10.58
CA LEU A 496 -21.43 -15.16 -11.54
C LEU A 496 -22.78 -14.64 -10.93
N ASN A 497 -22.97 -14.84 -9.66
CA ASN A 497 -24.23 -14.39 -9.07
C ASN A 497 -24.32 -12.82 -9.15
N LEU A 498 -23.19 -12.12 -8.91
CA LEU A 498 -23.17 -10.64 -9.06
C LEU A 498 -23.44 -10.20 -10.44
N TRP A 499 -22.77 -10.85 -11.41
CA TRP A 499 -22.92 -10.46 -12.77
C TRP A 499 -24.35 -10.78 -13.24
N ALA A 500 -24.92 -11.89 -12.73
CA ALA A 500 -26.31 -12.21 -13.12
C ALA A 500 -27.31 -11.07 -12.64
N ASP A 501 -27.04 -10.56 -11.48
CA ASP A 501 -27.82 -9.42 -10.93
C ASP A 501 -27.70 -8.19 -11.83
N VAL A 502 -26.49 -7.91 -12.36
CA VAL A 502 -26.32 -6.84 -13.26
C VAL A 502 -27.09 -7.09 -14.55
N CYS A 503 -27.03 -8.34 -15.11
CA CYS A 503 -27.67 -8.67 -16.34
C CYS A 503 -29.22 -8.42 -16.17
N GLU A 504 -29.72 -8.83 -15.03
CA GLU A 504 -31.15 -8.71 -14.76
C GLU A 504 -31.52 -7.14 -14.76
N GLN A 505 -30.73 -6.35 -14.04
CA GLN A 505 -30.87 -4.89 -14.08
C GLN A 505 -30.83 -4.31 -15.47
N ARG A 506 -30.00 -4.90 -16.38
CA ARG A 506 -29.85 -4.45 -17.78
C ARG A 506 -30.81 -5.16 -18.76
N GLN A 507 -31.77 -5.98 -18.25
CA GLN A 507 -32.69 -6.72 -19.13
C GLN A 507 -32.02 -7.73 -20.02
N GLN A 508 -30.87 -8.27 -19.58
CA GLN A 508 -30.15 -9.27 -20.32
C GLN A 508 -30.53 -10.58 -19.58
N ASN A 509 -31.76 -11.01 -19.79
CA ASN A 509 -32.32 -12.11 -18.94
C ASN A 509 -31.79 -13.54 -19.20
N SER A 510 -31.49 -13.83 -20.44
CA SER A 510 -30.93 -15.09 -20.82
C SER A 510 -29.53 -15.20 -20.14
N CYS A 511 -28.78 -14.11 -20.17
CA CYS A 511 -27.47 -14.14 -19.49
C CYS A 511 -27.63 -14.31 -18.04
N ALA A 512 -28.64 -13.67 -17.43
CA ALA A 512 -28.79 -13.81 -16.02
C ALA A 512 -29.09 -15.27 -15.66
N ASN A 513 -29.94 -15.93 -16.48
CA ASN A 513 -30.31 -17.33 -16.14
C ASN A 513 -29.08 -18.21 -16.23
N GLU A 514 -28.34 -18.03 -17.31
CA GLU A 514 -27.10 -18.82 -17.65
C GLU A 514 -26.12 -18.71 -16.51
N PHE A 515 -25.91 -17.50 -15.99
CA PHE A 515 -24.85 -17.34 -14.93
C PHE A 515 -25.32 -17.76 -13.63
N ARG A 516 -26.62 -17.57 -13.33
CA ARG A 516 -27.11 -18.01 -12.09
C ARG A 516 -27.07 -19.59 -12.03
N GLN A 517 -27.38 -20.19 -13.17
CA GLN A 517 -27.33 -21.67 -13.22
C GLN A 517 -25.84 -22.11 -13.05
N GLY A 518 -24.90 -21.40 -13.67
CA GLY A 518 -23.47 -21.73 -13.50
C GLY A 518 -23.07 -21.68 -12.07
N ALA A 519 -23.50 -20.62 -11.37
CA ALA A 519 -23.19 -20.50 -9.97
C ALA A 519 -23.73 -21.64 -9.16
N LYS A 520 -24.99 -22.02 -9.43
CA LYS A 520 -25.56 -23.22 -8.73
C LYS A 520 -24.74 -24.47 -9.00
N ASP A 521 -24.37 -24.65 -10.24
CA ASP A 521 -23.63 -25.88 -10.63
C ASP A 521 -22.30 -25.92 -9.89
N ILE A 522 -21.56 -24.79 -9.90
CA ILE A 522 -20.31 -24.76 -9.10
C ILE A 522 -20.47 -24.96 -7.66
N ASN A 523 -21.45 -24.33 -6.99
CA ASN A 523 -21.63 -24.49 -5.61
C ASN A 523 -21.96 -25.96 -5.29
N ALA A 524 -22.69 -26.60 -6.18
CA ALA A 524 -23.10 -28.07 -5.96
C ALA A 524 -21.78 -28.92 -5.96
N ALA A 525 -20.93 -28.61 -6.94
CA ALA A 525 -19.62 -29.30 -7.15
C ALA A 525 -18.75 -29.03 -5.95
N VAL A 526 -18.72 -27.80 -5.43
CA VAL A 526 -17.98 -27.53 -4.23
C VAL A 526 -18.46 -28.27 -3.02
N ASN A 527 -19.78 -28.28 -2.88
CA ASN A 527 -20.29 -29.02 -1.73
C ASN A 527 -20.01 -30.57 -1.82
N LYS A 528 -19.99 -31.09 -3.00
CA LYS A 528 -19.79 -32.53 -3.16
C LYS A 528 -18.30 -32.90 -3.05
N HIS A 529 -17.40 -32.02 -3.52
CA HIS A 529 -15.92 -32.38 -3.58
C HIS A 529 -14.99 -31.61 -2.67
N ILE A 530 -15.39 -30.41 -2.23
CA ILE A 530 -14.48 -29.48 -1.44
C ILE A 530 -14.80 -29.37 -0.03
N TRP A 531 -16.11 -29.41 0.34
CA TRP A 531 -16.53 -29.32 1.71
C TRP A 531 -15.98 -30.50 2.50
N ASP A 532 -15.37 -30.26 3.63
CA ASP A 532 -14.62 -31.23 4.41
C ASP A 532 -15.29 -31.57 5.70
N GLY A 533 -16.54 -31.10 5.90
CA GLY A 533 -17.35 -31.40 7.11
C GLY A 533 -17.54 -30.32 8.13
N GLU A 534 -16.47 -29.55 8.41
CA GLU A 534 -16.54 -28.39 9.25
C GLU A 534 -16.09 -27.05 8.55
N TRP A 535 -15.40 -27.14 7.42
CA TRP A 535 -14.99 -25.99 6.61
C TRP A 535 -14.75 -26.46 5.20
N PHE A 536 -14.49 -25.55 4.27
CA PHE A 536 -14.27 -25.88 2.91
C PHE A 536 -12.73 -26.05 2.68
N GLY A 537 -12.37 -27.08 1.96
CA GLY A 537 -10.93 -27.28 1.63
C GLY A 537 -10.41 -26.25 0.66
N ARG A 538 -9.13 -26.34 0.33
CA ARG A 538 -8.47 -25.28 -0.48
C ARG A 538 -8.35 -25.58 -1.91
N GLY A 539 -8.26 -26.88 -2.22
CA GLY A 539 -8.07 -27.29 -3.53
C GLY A 539 -7.92 -28.84 -3.62
N ILE A 540 -7.80 -29.29 -4.84
CA ILE A 540 -7.53 -30.70 -5.11
C ILE A 540 -6.39 -30.75 -6.08
N THR A 541 -5.36 -31.51 -5.66
CA THR A 541 -4.12 -31.67 -6.49
C THR A 541 -4.25 -32.34 -7.78
N ASP A 542 -3.23 -32.26 -8.62
CA ASP A 542 -3.19 -32.94 -9.84
C ASP A 542 -3.43 -34.45 -9.64
N ASP A 543 -3.02 -34.99 -8.51
CA ASP A 543 -3.21 -36.46 -8.29
C ASP A 543 -4.47 -36.79 -7.51
N GLY A 544 -5.43 -35.85 -7.39
CA GLY A 544 -6.73 -36.03 -6.68
C GLY A 544 -6.78 -35.90 -5.23
N VAL A 545 -5.81 -35.27 -4.58
CA VAL A 545 -5.83 -35.11 -3.18
C VAL A 545 -6.45 -33.77 -2.70
N LEU A 546 -7.44 -33.79 -1.77
CA LEU A 546 -8.02 -32.56 -1.18
C LEU A 546 -7.16 -32.13 -0.06
N PHE A 547 -6.70 -30.84 -0.07
CA PHE A 547 -5.93 -30.30 0.96
C PHE A 547 -6.63 -29.09 1.58
N GLY A 548 -6.07 -28.60 2.67
CA GLY A 548 -6.76 -27.62 3.51
C GLY A 548 -7.88 -28.29 4.28
N THR A 549 -7.64 -29.54 4.74
CA THR A 549 -8.68 -30.37 5.43
C THR A 549 -8.26 -30.78 6.79
N SER A 550 -9.18 -31.38 7.59
CA SER A 550 -8.85 -31.64 8.98
C SER A 550 -7.80 -32.78 9.08
N LYS A 551 -7.58 -33.53 8.00
CA LYS A 551 -6.53 -34.62 7.96
C LYS A 551 -5.13 -34.06 7.72
N ASP A 552 -5.03 -32.77 7.38
CA ASP A 552 -3.73 -32.08 7.18
C ASP A 552 -3.18 -31.49 8.43
N LYS A 553 -1.93 -31.86 8.71
CA LYS A 553 -1.36 -31.36 9.90
C LYS A 553 -0.99 -29.84 9.84
N GLU A 554 -0.36 -29.48 8.76
CA GLU A 554 -0.09 -28.08 8.45
C GLU A 554 -1.03 -27.66 7.32
N GLY A 555 -1.45 -26.39 7.34
CA GLY A 555 -2.42 -26.01 6.33
C GLY A 555 -3.76 -26.74 6.46
N ARG A 556 -4.18 -26.88 7.68
CA ARG A 556 -5.37 -27.59 8.07
C ARG A 556 -6.64 -26.82 7.68
N ILE A 557 -6.60 -25.49 7.78
CA ILE A 557 -7.68 -24.66 7.28
C ILE A 557 -7.06 -23.37 6.64
N PHE A 558 -7.63 -23.02 5.51
CA PHE A 558 -7.33 -21.74 4.86
C PHE A 558 -8.56 -20.80 5.01
N LEU A 559 -8.32 -19.49 5.18
CA LEU A 559 -9.41 -18.50 5.37
C LEU A 559 -10.24 -18.32 4.12
N ASN A 560 -9.56 -18.16 2.97
CA ASN A 560 -10.20 -17.73 1.78
C ASN A 560 -11.37 -18.57 1.29
N PRO A 561 -11.26 -19.93 1.30
CA PRO A 561 -12.46 -20.69 0.88
C PRO A 561 -13.68 -20.43 1.78
N GLN A 562 -13.46 -20.11 3.02
CA GLN A 562 -14.55 -19.84 3.93
C GLN A 562 -15.23 -18.50 3.57
N SER A 563 -14.45 -17.43 3.52
CA SER A 563 -15.02 -16.13 3.14
C SER A 563 -15.76 -16.16 1.88
N TRP A 564 -15.21 -16.84 0.86
CA TRP A 564 -15.78 -16.73 -0.40
C TRP A 564 -16.95 -17.74 -0.63
N ALA A 565 -16.94 -18.77 0.17
CA ALA A 565 -18.13 -19.71 0.20
C ALA A 565 -19.37 -18.97 0.83
N ILE A 566 -19.09 -18.09 1.76
CA ILE A 566 -20.16 -17.23 2.31
C ILE A 566 -20.63 -16.32 1.25
N LEU A 567 -19.73 -15.57 0.61
CA LEU A 567 -20.16 -14.71 -0.43
C LEU A 567 -20.86 -15.30 -1.58
N GLY A 568 -20.40 -16.44 -2.07
CA GLY A 568 -20.92 -16.99 -3.32
C GLY A 568 -22.07 -18.01 -3.20
N GLY A 569 -22.41 -18.30 -1.97
CA GLY A 569 -23.54 -19.19 -1.67
C GLY A 569 -23.27 -20.63 -1.47
N ALA A 570 -21.99 -21.08 -1.56
CA ALA A 570 -21.71 -22.47 -1.26
C ALA A 570 -21.96 -22.80 0.20
N ALA A 571 -21.74 -21.84 1.09
CA ALA A 571 -21.97 -22.01 2.46
C ALA A 571 -23.47 -21.56 2.68
N ASP A 572 -24.33 -22.55 2.96
CA ASP A 572 -25.70 -22.26 3.51
C ASP A 572 -25.76 -21.97 5.00
N GLU A 573 -26.96 -21.69 5.52
CA GLU A 573 -27.13 -21.29 6.92
C GLU A 573 -26.69 -22.34 7.90
N GLN A 574 -26.75 -23.60 7.52
CA GLN A 574 -26.27 -24.67 8.42
C GLN A 574 -24.72 -24.75 8.51
N LYS A 575 -24.04 -24.55 7.39
CA LYS A 575 -22.55 -24.54 7.34
C LYS A 575 -21.92 -23.30 7.93
N ILE A 576 -22.56 -22.16 7.78
CA ILE A 576 -21.98 -20.93 8.24
C ILE A 576 -21.48 -20.93 9.63
N PRO A 577 -22.29 -21.38 10.61
CA PRO A 577 -21.73 -21.44 11.95
C PRO A 577 -20.48 -22.33 12.15
N CYS A 578 -20.39 -23.40 11.38
CA CYS A 578 -19.19 -24.27 11.45
C CYS A 578 -17.89 -23.42 11.03
N LEU A 579 -18.09 -22.66 9.96
CA LEU A 579 -17.03 -21.75 9.44
C LEU A 579 -16.61 -20.79 10.47
N LEU A 580 -17.57 -20.04 11.07
CA LEU A 580 -17.21 -19.09 12.09
C LEU A 580 -16.46 -19.63 13.23
N ASP A 581 -16.87 -20.82 13.72
CA ASP A 581 -16.20 -21.42 14.82
C ASP A 581 -14.77 -21.95 14.48
N ALA A 582 -14.65 -22.63 13.36
CA ALA A 582 -13.34 -23.14 12.89
C ALA A 582 -12.32 -21.98 12.71
N VAL A 583 -12.80 -20.88 12.15
CA VAL A 583 -11.92 -19.72 11.97
C VAL A 583 -11.52 -19.15 13.30
N GLU A 584 -12.45 -18.99 14.27
CA GLU A 584 -12.10 -18.49 15.57
C GLU A 584 -11.11 -19.42 16.29
N GLN A 585 -11.36 -20.72 16.19
CA GLN A 585 -10.58 -21.65 16.96
C GLN A 585 -9.18 -21.80 16.36
N GLN A 586 -9.05 -21.72 15.05
CA GLN A 586 -7.76 -22.09 14.44
C GLN A 586 -7.02 -20.88 13.83
N LEU A 587 -7.74 -19.82 13.46
CA LEU A 587 -7.13 -18.69 12.61
C LEU A 587 -7.06 -17.37 13.31
N GLU A 588 -8.01 -17.02 14.24
CA GLU A 588 -7.98 -15.76 14.92
C GLU A 588 -6.88 -15.56 15.87
N THR A 589 -6.30 -14.36 15.89
CA THR A 589 -5.28 -14.02 16.79
C THR A 589 -5.53 -12.63 17.32
N PRO A 590 -4.81 -12.18 18.32
CA PRO A 590 -4.87 -10.80 18.76
C PRO A 590 -4.43 -9.77 17.75
N TYR A 591 -3.74 -10.18 16.68
CA TYR A 591 -3.29 -9.19 15.69
C TYR A 591 -4.14 -9.26 14.45
N GLY A 592 -5.21 -10.11 14.44
CA GLY A 592 -6.01 -10.34 13.34
C GLY A 592 -6.04 -11.79 12.94
N VAL A 593 -6.83 -12.06 11.91
CA VAL A 593 -7.07 -13.41 11.46
C VAL A 593 -5.96 -13.91 10.48
N MET A 594 -5.38 -15.06 10.77
CA MET A 594 -4.38 -15.67 9.88
C MET A 594 -5.03 -16.22 8.66
N MET A 595 -4.28 -16.26 7.56
CA MET A 595 -4.86 -16.74 6.33
C MET A 595 -4.88 -18.29 6.19
N LEU A 596 -4.04 -18.95 6.99
CA LEU A 596 -4.02 -20.42 7.02
C LEU A 596 -3.34 -20.78 8.28
N ALA A 597 -3.54 -22.00 8.75
CA ALA A 597 -2.92 -22.43 10.01
C ALA A 597 -3.10 -23.98 10.08
N PRO A 598 -2.22 -24.64 10.82
CA PRO A 598 -0.87 -24.13 11.20
C PRO A 598 -0.03 -23.81 9.95
N ALA A 599 0.89 -22.90 10.11
CA ALA A 599 1.78 -22.59 8.98
C ALA A 599 2.64 -23.79 8.57
N PHE A 600 2.95 -23.84 7.29
CA PHE A 600 3.81 -24.88 6.73
C PHE A 600 5.22 -24.70 7.22
N THR A 601 5.84 -25.82 7.63
CA THR A 601 7.24 -25.74 8.06
C THR A 601 8.23 -26.43 7.11
N ALA A 602 7.75 -26.99 6.01
CA ALA A 602 8.58 -27.68 4.98
C ALA A 602 7.84 -27.76 3.74
N MET A 603 8.55 -27.89 2.61
CA MET A 603 7.91 -28.04 1.39
C MET A 603 6.88 -29.17 1.36
N ARG A 604 5.73 -28.86 0.85
CA ARG A 604 4.72 -29.87 0.43
C ARG A 604 4.52 -29.65 -1.07
N ASP A 605 5.11 -30.53 -1.89
CA ASP A 605 5.19 -30.28 -3.29
C ASP A 605 4.08 -30.64 -4.18
N ASP A 606 2.89 -30.94 -3.62
CA ASP A 606 1.63 -30.91 -4.36
C ASP A 606 0.79 -29.66 -3.97
N VAL A 607 1.41 -28.71 -3.29
CA VAL A 607 0.82 -27.39 -2.97
C VAL A 607 1.80 -26.30 -3.46
N GLY A 608 3.07 -26.38 -2.99
CA GLY A 608 4.13 -25.66 -3.72
C GLY A 608 4.84 -24.61 -2.90
N ARG A 609 5.30 -23.57 -3.61
CA ARG A 609 6.24 -22.65 -3.08
C ARG A 609 5.75 -21.89 -1.87
N VAL A 610 4.42 -21.64 -1.78
CA VAL A 610 3.86 -21.06 -0.56
C VAL A 610 4.30 -21.79 0.70
N THR A 611 4.46 -23.14 0.60
CA THR A 611 4.83 -23.87 1.78
C THR A 611 6.26 -23.77 2.19
N GLN A 612 7.09 -23.11 1.36
CA GLN A 612 8.48 -22.89 1.68
C GLN A 612 8.78 -21.56 2.22
N LYS A 613 7.81 -20.63 2.25
CA LYS A 613 8.08 -19.38 2.94
C LYS A 613 8.18 -19.56 4.45
N PHE A 614 8.83 -18.64 5.14
CA PHE A 614 9.03 -18.86 6.59
C PHE A 614 7.60 -18.92 7.25
N PRO A 615 7.37 -19.85 8.20
CA PRO A 615 6.00 -20.00 8.78
C PRO A 615 5.66 -18.67 9.49
N GLY A 616 4.55 -18.10 9.05
CA GLY A 616 4.04 -16.89 9.66
C GLY A 616 4.26 -15.64 8.78
N SER A 617 5.14 -15.76 7.78
CA SER A 617 5.44 -14.69 6.83
C SER A 617 4.68 -14.82 5.60
N ALA A 618 4.15 -13.67 5.11
CA ALA A 618 3.52 -13.60 3.79
C ALA A 618 2.36 -14.64 3.62
N GLU A 619 2.28 -15.34 2.53
CA GLU A 619 1.16 -16.23 2.28
C GLU A 619 1.21 -17.45 3.18
N ASN A 620 2.39 -17.75 3.82
CA ASN A 620 2.43 -18.93 4.64
C ASN A 620 1.98 -18.68 6.04
N GLY A 621 0.69 -18.38 6.19
CA GLY A 621 0.14 -18.21 7.51
C GLY A 621 0.26 -16.94 8.23
N SER A 622 0.62 -15.84 7.56
CA SER A 622 0.62 -14.58 8.22
C SER A 622 -0.80 -14.15 8.53
N VAL A 623 -0.89 -13.10 9.32
CA VAL A 623 -2.13 -12.27 9.27
C VAL A 623 -2.05 -11.44 8.05
N TYR A 624 -2.56 -12.00 6.97
CA TYR A 624 -2.40 -11.45 5.70
C TYR A 624 -3.60 -10.52 5.54
N ASN A 625 -3.36 -9.22 5.60
CA ASN A 625 -4.55 -8.34 5.79
C ASN A 625 -5.54 -8.40 4.68
N HIS A 626 -5.12 -8.67 3.47
CA HIS A 626 -6.02 -8.66 2.41
C HIS A 626 -6.99 -9.89 2.49
N ALA A 627 -6.46 -11.05 2.94
CA ALA A 627 -7.35 -12.16 3.21
C ALA A 627 -8.28 -11.84 4.39
N ALA A 628 -7.74 -11.20 5.41
CA ALA A 628 -8.52 -10.86 6.58
C ALA A 628 -9.71 -9.97 6.18
N VAL A 629 -9.48 -8.99 5.31
CA VAL A 629 -10.61 -8.06 4.92
C VAL A 629 -11.62 -8.76 4.03
N PHE A 630 -11.23 -9.72 3.20
CA PHE A 630 -12.24 -10.53 2.50
C PHE A 630 -13.16 -11.24 3.51
N TYR A 631 -12.58 -11.72 4.62
CA TYR A 631 -13.43 -12.39 5.65
C TYR A 631 -14.34 -11.39 6.28
N ILE A 632 -13.78 -10.23 6.64
CA ILE A 632 -14.59 -9.15 7.18
C ILE A 632 -15.77 -8.76 6.27
N PHE A 633 -15.49 -8.57 4.99
CA PHE A 633 -16.51 -8.28 4.00
C PHE A 633 -17.58 -9.39 3.96
N SER A 634 -17.15 -10.65 3.96
CA SER A 634 -18.12 -11.79 4.03
C SER A 634 -18.98 -11.75 5.31
N LEU A 635 -18.41 -11.39 6.43
CA LEU A 635 -19.11 -11.34 7.73
C LEU A 635 -20.20 -10.24 7.63
N LEU A 636 -19.80 -9.09 7.10
CA LEU A 636 -20.74 -8.00 6.80
C LEU A 636 -21.89 -8.43 5.91
N SER A 637 -21.65 -9.30 4.92
CA SER A 637 -22.63 -9.73 3.97
C SER A 637 -23.72 -10.58 4.66
N ILE A 638 -23.44 -11.16 5.81
CA ILE A 638 -24.40 -11.99 6.57
C ILE A 638 -24.82 -11.34 7.87
N GLY A 639 -24.56 -10.06 8.03
CA GLY A 639 -24.88 -9.33 9.25
C GLY A 639 -24.21 -9.74 10.50
N GLU A 640 -22.99 -10.33 10.41
CA GLU A 640 -22.22 -10.64 11.59
C GLU A 640 -21.43 -9.40 12.03
N SER A 641 -22.13 -8.42 12.55
CA SER A 641 -21.64 -7.08 12.71
C SER A 641 -20.54 -6.99 13.74
N GLU A 642 -20.77 -7.57 14.92
CA GLU A 642 -19.78 -7.52 15.96
C GLU A 642 -18.41 -8.21 15.56
N ARG A 643 -18.53 -9.33 14.94
CA ARG A 643 -17.33 -10.17 14.54
C ARG A 643 -16.59 -9.33 13.46
N ALA A 644 -17.33 -8.82 12.50
CA ALA A 644 -16.75 -8.00 11.39
C ALA A 644 -15.99 -6.84 11.96
N TYR A 645 -16.62 -6.06 12.89
CA TYR A 645 -15.96 -4.93 13.46
C TYR A 645 -14.73 -5.35 14.26
N LYS A 646 -14.84 -6.37 15.12
CA LYS A 646 -13.74 -6.72 15.97
C LYS A 646 -12.48 -7.04 15.10
N LEU A 647 -12.67 -7.85 14.09
CA LEU A 647 -11.54 -8.32 13.24
C LEU A 647 -11.00 -7.13 12.40
N LEU A 648 -11.86 -6.19 11.97
CA LEU A 648 -11.37 -4.98 11.24
C LEU A 648 -10.59 -4.10 12.12
N ARG A 649 -11.03 -3.91 13.37
CA ARG A 649 -10.38 -3.05 14.27
C ARG A 649 -8.99 -3.65 14.71
N GLN A 650 -8.86 -4.94 14.73
CA GLN A 650 -7.53 -5.58 15.01
C GLN A 650 -6.46 -5.17 13.96
N MET A 651 -6.84 -4.80 12.75
CA MET A 651 -5.95 -4.39 11.72
C MET A 651 -5.21 -3.11 12.06
N LEU A 652 -5.74 -2.32 13.00
CA LEU A 652 -5.11 -1.05 13.38
C LEU A 652 -4.38 -1.21 14.67
N PRO A 653 -3.03 -1.01 14.69
CA PRO A 653 -2.28 -1.21 15.91
C PRO A 653 -2.66 -0.05 16.96
N GLY A 654 -2.59 -0.38 18.22
CA GLY A 654 -2.72 0.60 19.28
C GLY A 654 -4.20 0.73 19.63
N PRO A 655 -4.50 1.41 20.73
CA PRO A 655 -3.56 2.14 21.60
C PRO A 655 -2.81 1.33 22.64
N ASP A 656 -3.09 0.07 22.81
CA ASP A 656 -2.36 -0.75 23.76
C ASP A 656 -0.84 -0.67 23.47
N GLU A 657 -0.05 -0.30 24.49
CA GLU A 657 1.40 -0.12 24.38
C GLU A 657 2.10 -1.44 23.96
N ALA A 658 1.76 -2.59 24.56
CA ALA A 658 2.43 -3.85 24.23
C ALA A 658 2.16 -4.18 22.74
N ASP A 659 0.95 -3.98 22.30
CA ASP A 659 0.55 -4.21 20.88
C ASP A 659 1.39 -3.30 19.96
N LEU A 660 1.43 -2.01 20.28
CA LEU A 660 2.17 -1.07 19.47
C LEU A 660 3.64 -1.50 19.35
N LEU A 661 4.25 -1.83 20.50
CA LEU A 661 5.65 -2.26 20.49
C LEU A 661 5.88 -3.56 19.72
N GLN A 662 4.97 -4.51 19.84
CA GLN A 662 5.16 -5.78 19.29
C GLN A 662 4.98 -5.71 17.74
N ARG A 663 4.03 -4.94 17.24
CA ARG A 663 3.88 -4.83 15.78
C ARG A 663 4.97 -3.98 15.15
N GLY A 664 5.41 -2.97 15.85
CA GLY A 664 6.48 -2.12 15.46
C GLY A 664 6.13 -1.14 14.38
N GLN A 665 4.85 -0.91 14.17
CA GLN A 665 4.50 0.01 13.15
C GLN A 665 3.80 1.30 13.54
N LEU A 666 4.12 2.39 12.85
CA LEU A 666 3.37 3.62 13.02
C LEU A 666 2.00 3.36 12.49
N PRO A 667 0.91 3.85 13.16
CA PRO A 667 -0.46 3.64 12.67
C PRO A 667 -0.88 4.61 11.60
N VAL A 668 -0.11 4.70 10.52
CA VAL A 668 -0.30 5.65 9.41
C VAL A 668 -0.49 4.93 8.10
N PHE A 669 -0.48 3.59 8.16
CA PHE A 669 -0.84 2.76 7.01
C PHE A 669 -1.16 1.38 7.52
N ILE A 670 -1.88 0.60 6.73
CA ILE A 670 -2.07 -0.80 6.97
C ILE A 670 -0.99 -1.56 6.13
N PRO A 671 -0.22 -2.41 6.80
CA PRO A 671 0.80 -3.17 6.03
C PRO A 671 0.25 -4.39 5.35
N ASN A 672 0.94 -4.97 4.35
CA ASN A 672 0.36 -6.20 3.76
C ASN A 672 0.15 -7.35 4.75
N TYR A 673 0.94 -7.44 5.78
CA TYR A 673 0.78 -8.49 6.79
C TYR A 673 1.34 -8.11 8.10
N TYR A 674 0.79 -8.72 9.17
CA TYR A 674 1.39 -8.83 10.45
C TYR A 674 1.77 -10.31 10.63
N ARG A 675 2.91 -10.57 11.25
CA ARG A 675 3.40 -11.95 11.24
C ARG A 675 2.30 -12.87 11.94
N GLY A 676 2.09 -14.04 11.37
CA GLY A 676 1.20 -15.06 11.91
C GLY A 676 1.96 -16.18 12.61
N ALA A 677 1.52 -17.38 12.27
CA ALA A 677 2.07 -18.60 12.94
C ALA A 677 2.05 -18.36 14.49
N TYR A 678 0.91 -17.82 14.96
CA TYR A 678 0.77 -17.33 16.29
C TYR A 678 0.95 -18.46 17.33
N TYR A 679 0.48 -19.64 16.98
CA TYR A 679 0.64 -20.77 17.93
C TYR A 679 2.04 -21.34 17.88
N GLN A 680 2.63 -21.32 16.70
CA GLN A 680 3.93 -21.95 16.47
C GLN A 680 5.10 -21.09 16.86
N HIS A 681 5.03 -19.76 16.68
CA HIS A 681 6.12 -18.84 17.03
C HIS A 681 5.57 -17.60 17.65
N PRO A 682 5.20 -17.69 18.92
CA PRO A 682 4.59 -16.51 19.48
C PRO A 682 5.48 -15.32 19.61
N ARG A 683 6.80 -15.48 19.76
CA ARG A 683 7.65 -14.32 19.97
C ARG A 683 7.53 -13.23 18.90
N THR A 684 7.40 -13.65 17.63
CA THR A 684 7.42 -12.76 16.49
C THR A 684 6.00 -12.45 15.98
N ALA A 685 4.97 -13.11 16.56
CA ALA A 685 3.63 -12.93 16.00
C ALA A 685 3.22 -11.44 16.18
N GLY A 686 2.58 -10.93 15.13
CA GLY A 686 2.12 -9.54 15.04
C GLY A 686 3.08 -8.58 14.38
N ARG A 687 4.38 -8.97 14.24
CA ARG A 687 5.35 -8.06 13.67
C ARG A 687 4.87 -7.59 12.26
N SER A 688 4.94 -6.27 12.02
CA SER A 688 4.55 -5.69 10.77
C SER A 688 5.53 -5.95 9.59
N SER A 689 4.99 -6.26 8.46
CA SER A 689 5.85 -6.32 7.24
C SER A 689 6.42 -4.96 6.85
N GLN A 690 5.75 -3.87 7.30
CA GLN A 690 6.11 -2.51 6.97
C GLN A 690 5.86 -2.20 5.51
N LEU A 691 5.14 -3.10 4.80
CA LEU A 691 4.92 -2.85 3.35
C LEU A 691 3.57 -2.11 3.16
N PHE A 692 3.62 -0.86 2.65
CA PHE A 692 2.43 -0.07 2.38
C PHE A 692 1.71 -0.43 1.12
N ASN A 693 2.36 -1.21 0.23
CA ASN A 693 1.68 -1.71 -0.96
C ASN A 693 0.79 -2.91 -0.61
N THR A 694 -0.52 -2.71 -0.65
CA THR A 694 -1.43 -3.75 -0.32
C THR A 694 -2.87 -3.37 -0.83
N GLY A 695 -3.49 -4.33 -1.49
CA GLY A 695 -4.87 -4.22 -1.95
C GLY A 695 -5.88 -4.33 -0.82
N THR A 696 -5.42 -4.54 0.38
CA THR A 696 -6.22 -4.53 1.59
C THR A 696 -7.07 -3.25 1.64
N VAL A 697 -6.43 -2.12 1.41
CA VAL A 697 -7.02 -0.83 1.81
C VAL A 697 -8.21 -0.45 0.98
N SER A 698 -8.32 -0.81 -0.33
CA SER A 698 -9.52 -0.54 -1.03
C SER A 698 -10.71 -1.28 -0.45
N TRP A 699 -10.48 -2.49 0.03
CA TRP A 699 -11.55 -3.31 0.70
C TRP A 699 -11.85 -2.80 2.09
N VAL A 700 -10.86 -2.40 2.88
CA VAL A 700 -11.12 -1.90 4.22
C VAL A 700 -12.02 -0.66 4.09
N TYR A 701 -11.70 0.21 3.13
CA TYR A 701 -12.45 1.53 2.93
C TYR A 701 -13.85 1.21 2.46
N ARG A 702 -14.00 0.24 1.53
CA ARG A 702 -15.33 -0.22 1.16
C ARG A 702 -16.09 -0.78 2.34
N CYS A 703 -15.48 -1.64 3.16
CA CYS A 703 -16.15 -2.19 4.33
C CYS A 703 -16.68 -1.09 5.28
N LEU A 704 -15.87 -0.06 5.50
CA LEU A 704 -16.25 1.02 6.44
C LEU A 704 -17.41 1.80 5.84
N ILE A 705 -17.31 2.18 4.57
CA ILE A 705 -18.25 3.07 3.94
C ILE A 705 -19.63 2.38 3.77
N GLU A 706 -19.63 1.18 3.18
CA GLU A 706 -20.86 0.44 2.83
C GLU A 706 -21.39 -0.44 3.92
N GLY A 707 -20.53 -0.91 4.85
CA GLY A 707 -20.80 -1.99 5.74
C GLY A 707 -20.96 -1.53 7.18
N VAL A 708 -19.91 -1.02 7.78
CA VAL A 708 -19.92 -0.62 9.12
C VAL A 708 -20.83 0.64 9.25
N PHE A 709 -20.47 1.71 8.52
CA PHE A 709 -21.32 2.93 8.51
C PHE A 709 -22.57 2.78 7.72
N GLY A 710 -22.58 1.83 6.78
CA GLY A 710 -23.72 1.49 6.03
C GLY A 710 -24.34 2.53 5.13
N LEU A 711 -23.53 3.27 4.39
CA LEU A 711 -23.97 4.26 3.53
C LEU A 711 -23.63 3.87 2.11
N LYS A 712 -24.50 3.08 1.51
CA LYS A 712 -24.19 2.34 0.27
C LYS A 712 -25.04 2.79 -0.85
N GLY A 713 -24.44 2.93 -2.05
CA GLY A 713 -25.23 3.28 -3.20
C GLY A 713 -26.10 2.19 -3.80
N SER A 714 -27.18 2.59 -4.48
CA SER A 714 -28.02 1.69 -5.25
C SER A 714 -28.63 2.48 -6.37
N PRO A 715 -29.30 1.81 -7.33
CA PRO A 715 -29.91 2.57 -8.43
C PRO A 715 -30.99 3.58 -7.93
N GLN A 716 -31.46 3.39 -6.73
CA GLN A 716 -32.47 4.36 -6.19
C GLN A 716 -31.84 5.50 -5.42
N GLY A 717 -30.59 5.41 -4.97
CA GLY A 717 -30.06 6.44 -4.14
C GLY A 717 -29.12 5.91 -3.11
N LEU A 718 -29.18 6.49 -1.92
CA LEU A 718 -28.34 6.10 -0.77
C LEU A 718 -29.04 5.22 0.20
N VAL A 719 -28.55 3.98 0.32
CA VAL A 719 -29.13 3.00 1.24
C VAL A 719 -28.47 3.11 2.58
N VAL A 720 -29.27 3.20 3.64
CA VAL A 720 -28.80 3.34 4.96
C VAL A 720 -28.93 2.01 5.66
N GLN A 721 -27.80 1.39 6.00
CA GLN A 721 -27.79 -0.03 6.46
C GLN A 721 -26.59 -0.29 7.41
N PRO A 722 -26.45 0.52 8.45
CA PRO A 722 -25.32 0.42 9.37
C PRO A 722 -25.22 -0.83 10.18
N GLN A 723 -23.97 -1.22 10.44
CA GLN A 723 -23.58 -2.34 11.33
C GLN A 723 -22.57 -1.83 12.30
N LEU A 724 -22.99 -0.89 13.14
CA LEU A 724 -22.12 -0.34 14.12
C LEU A 724 -21.88 -1.30 15.23
N PRO A 725 -20.67 -1.32 15.81
CA PRO A 725 -20.58 -2.17 16.98
C PRO A 725 -21.48 -1.67 18.14
N VAL A 726 -21.98 -2.63 18.91
CA VAL A 726 -22.91 -2.27 20.05
C VAL A 726 -22.34 -1.35 21.11
N ALA A 727 -21.04 -1.34 21.35
CA ALA A 727 -20.49 -0.41 22.30
C ALA A 727 -20.74 1.04 21.99
N TRP A 728 -20.99 1.40 20.73
CA TRP A 728 -21.08 2.82 20.40
C TRP A 728 -22.54 3.27 20.70
N GLN A 729 -22.68 4.18 21.65
CA GLN A 729 -24.01 4.86 21.96
C GLN A 729 -24.40 5.89 20.93
N THR A 730 -23.40 6.60 20.44
CA THR A 730 -23.54 7.57 19.35
C THR A 730 -22.28 7.51 18.43
N ALA A 731 -22.48 8.01 17.23
CA ALA A 731 -21.42 8.23 16.24
C ALA A 731 -21.89 9.15 15.21
N GLU A 732 -20.96 9.81 14.51
CA GLU A 732 -21.29 10.59 13.34
C GLU A 732 -20.43 10.19 12.13
N ALA A 733 -20.95 10.44 10.94
CA ALA A 733 -20.11 10.37 9.73
C ALA A 733 -20.56 11.46 8.80
N VAL A 734 -19.64 11.90 7.97
CA VAL A 734 -19.97 12.75 6.82
C VAL A 734 -19.66 12.02 5.56
N ARG A 735 -20.67 11.78 4.71
CA ARG A 735 -20.60 10.98 3.50
C ARG A 735 -20.79 11.88 2.32
N GLU A 736 -19.80 11.92 1.39
CA GLU A 736 -20.00 12.53 0.10
C GLU A 736 -20.48 11.42 -0.84
N PHE A 737 -21.56 11.68 -1.56
CA PHE A 737 -22.13 10.69 -2.45
C PHE A 737 -22.86 11.31 -3.58
N ARG A 738 -22.48 10.94 -4.82
CA ARG A 738 -23.08 11.43 -6.03
C ARG A 738 -23.21 12.96 -6.07
N GLY A 739 -22.21 13.64 -5.56
CA GLY A 739 -22.19 15.05 -5.62
C GLY A 739 -22.83 15.78 -4.43
N ALA A 740 -23.46 15.09 -3.47
CA ALA A 740 -24.09 15.66 -2.33
C ALA A 740 -23.36 15.26 -1.08
N THR A 741 -23.65 15.94 -0.01
CA THR A 741 -23.11 15.63 1.30
C THR A 741 -24.17 15.20 2.27
N PHE A 742 -23.90 14.14 3.02
CA PHE A 742 -24.84 13.61 4.06
C PHE A 742 -24.14 13.72 5.40
N ASN A 743 -24.70 14.55 6.30
CA ASN A 743 -24.23 14.60 7.67
C ASN A 743 -25.02 13.66 8.54
N VAL A 744 -24.43 12.54 8.88
CA VAL A 744 -25.15 11.43 9.45
C VAL A 744 -24.86 11.43 10.94
N SER A 745 -25.95 11.35 11.76
CA SER A 745 -25.81 11.14 13.20
C SER A 745 -26.51 9.86 13.56
N TYR A 746 -25.80 9.03 14.31
CA TYR A 746 -26.32 7.72 14.70
C TYR A 746 -26.48 7.75 16.21
N ARG A 747 -27.61 7.19 16.69
CA ARG A 747 -27.90 7.18 18.16
C ARG A 747 -28.69 5.94 18.48
N LYS A 748 -28.37 5.28 19.59
CA LYS A 748 -29.13 4.10 20.06
C LYS A 748 -30.34 4.64 20.86
N SER A 749 -31.51 4.05 20.70
CA SER A 749 -32.71 4.45 21.43
C SER A 749 -33.41 3.20 21.95
N SER A 750 -33.77 3.18 23.22
CA SER A 750 -34.55 2.02 23.78
C SER A 750 -36.03 2.20 23.44
N ASP A 751 -36.43 3.43 23.03
CA ASP A 751 -37.80 3.72 22.63
C ASP A 751 -38.22 3.15 21.28
N ILE A 752 -37.37 2.39 20.60
CA ILE A 752 -37.78 1.81 19.30
C ILE A 752 -37.42 0.34 19.14
N LYS A 753 -38.15 -0.29 18.26
CA LYS A 753 -38.01 -1.69 17.99
C LYS A 753 -37.14 -1.93 16.76
N GLU A 754 -37.19 -0.99 15.82
CA GLU A 754 -36.67 -1.13 14.46
C GLU A 754 -35.93 0.22 14.13
N MET A 755 -34.90 0.21 13.30
CA MET A 755 -34.21 1.47 12.99
C MET A 755 -35.15 2.46 12.44
N GLU A 756 -34.93 3.71 12.79
CA GLU A 756 -35.73 4.82 12.27
C GLU A 756 -34.79 5.85 11.68
N ILE A 757 -35.09 6.21 10.44
CA ILE A 757 -34.32 7.22 9.72
C ILE A 757 -35.06 8.54 9.54
N GLN A 758 -34.45 9.64 9.95
CA GLN A 758 -34.96 10.98 9.69
C GLN A 758 -34.08 11.76 8.74
N LEU A 759 -34.68 12.29 7.71
CA LEU A 759 -34.05 13.17 6.78
C LEU A 759 -34.50 14.58 7.00
N ASN A 760 -33.58 15.47 7.29
CA ASN A 760 -33.88 16.89 7.63
C ASN A 760 -35.02 16.91 8.67
N GLU A 761 -34.87 16.11 9.73
CA GLU A 761 -35.82 16.06 10.84
C GLU A 761 -37.25 15.50 10.59
N SER A 762 -37.56 14.93 9.42
CA SER A 762 -38.81 14.17 9.28
C SER A 762 -38.53 12.71 8.91
N VAL A 763 -39.32 11.81 9.49
CA VAL A 763 -39.15 10.35 9.39
C VAL A 763 -39.36 9.94 7.94
N ILE A 764 -38.52 9.03 7.39
CA ILE A 764 -38.77 8.45 6.07
C ILE A 764 -39.31 7.04 6.27
N SER A 765 -40.00 6.54 5.25
CA SER A 765 -40.29 5.12 5.21
C SER A 765 -39.24 4.43 4.31
N GLY A 766 -38.82 3.26 4.72
CA GLY A 766 -37.83 2.50 3.98
C GLY A 766 -36.44 3.00 4.41
N ASN A 767 -35.42 2.58 3.68
CA ASN A 767 -34.04 2.87 4.13
C ASN A 767 -33.20 3.57 3.03
N THR A 768 -33.83 4.13 2.01
CA THR A 768 -33.18 4.73 0.89
C THR A 768 -33.47 6.20 0.83
N ILE A 769 -32.44 7.03 0.73
CA ILE A 769 -32.59 8.42 0.39
C ILE A 769 -32.58 8.46 -1.09
N SER A 770 -33.69 8.84 -1.71
CA SER A 770 -33.77 8.80 -3.19
C SER A 770 -33.73 10.10 -3.95
N ASP A 771 -33.85 11.20 -3.25
CA ASP A 771 -33.92 12.49 -3.89
C ASP A 771 -32.60 13.18 -3.48
N ILE A 772 -31.63 13.13 -4.37
CA ILE A 772 -30.31 13.62 -4.14
C ILE A 772 -29.90 14.61 -5.17
N THR A 773 -29.70 15.83 -4.70
CA THR A 773 -29.31 16.90 -5.54
C THR A 773 -27.87 17.29 -5.39
N ALA A 774 -27.19 17.38 -6.52
CA ALA A 774 -25.76 17.74 -6.54
C ALA A 774 -25.51 19.10 -5.84
N GLY A 775 -24.53 19.18 -4.94
CA GLY A 775 -24.17 20.35 -4.14
C GLY A 775 -24.96 20.57 -2.86
N ALA A 776 -26.01 19.79 -2.65
CA ALA A 776 -26.84 19.92 -1.51
C ALA A 776 -26.26 19.18 -0.32
N THR A 777 -26.61 19.63 0.89
CA THR A 777 -26.24 18.95 2.09
C THR A 777 -27.45 18.45 2.84
N TYR A 778 -27.47 17.21 3.30
CA TYR A 778 -28.66 16.61 3.95
C TYR A 778 -28.29 16.22 5.37
N GLN A 779 -29.21 16.45 6.36
CA GLN A 779 -29.04 15.90 7.71
C GLN A 779 -29.73 14.62 7.80
N LEU A 780 -29.02 13.58 8.12
CA LEU A 780 -29.59 12.25 8.39
C LEU A 780 -29.45 11.91 9.85
N THR A 781 -30.54 11.53 10.50
CA THR A 781 -30.47 10.94 11.86
C THR A 781 -30.90 9.52 11.77
N VAL A 782 -30.08 8.64 12.28
CA VAL A 782 -30.35 7.24 12.21
C VAL A 782 -30.43 6.78 13.64
N LEU A 783 -31.64 6.41 14.08
CA LEU A 783 -31.86 5.87 15.41
C LEU A 783 -31.93 4.39 15.34
N LEU A 784 -31.21 3.74 16.25
CA LEU A 784 -31.03 2.31 16.20
C LEU A 784 -31.55 1.65 17.51
N PRO A 785 -32.05 0.43 17.44
CA PRO A 785 -32.40 -0.25 18.74
C PRO A 785 -31.20 -0.59 19.60
C1 GCU B . 3.02 -6.29 -1.88
C2 GCU B . 2.23 -7.33 -2.77
C3 GCU B . 2.43 -8.87 -2.46
C4 GCU B . 3.95 -9.08 -2.30
C5 GCU B . 4.54 -8.11 -1.23
C6 GCU B . 6.03 -8.38 -1.04
O1 GCU B . 2.28 -6.34 -0.67
O2 GCU B . 0.86 -6.98 -2.97
O3 GCU B . 1.97 -9.74 -3.55
O4 GCU B . 4.10 -10.42 -1.84
O5 GCU B . 4.39 -6.77 -1.67
O6A GCU B . 6.71 -7.71 -1.82
O6B GCU B . 6.36 -9.16 -0.15
C2 BGC B . 0.05 -9.83 -4.93
C3 BGC B . -1.50 -10.18 -4.94
C4 BGC B . -1.71 -11.60 -4.36
C5 BGC B . -1.12 -11.68 -2.98
C6 BGC B . -1.19 -13.05 -2.27
C1 BGC B . 0.53 -10.02 -3.50
O2 BGC B . 0.23 -8.39 -5.18
O3 BGC B . -2.05 -10.03 -6.24
O4 BGC B . -3.09 -11.90 -4.28
O5 BGC B . 0.27 -11.34 -3.00
O6 BGC B . -0.36 -14.03 -3.05
C1 GOL C . 5.77 -6.72 -11.59
O1 GOL C . 5.97 -5.64 -12.50
C2 GOL C . 4.48 -7.49 -11.93
O2 GOL C . 3.40 -6.56 -11.50
C3 GOL C . 4.33 -8.69 -11.10
O3 GOL C . 4.47 -8.45 -9.70
C1 GOL D . -5.73 11.98 3.32
O1 GOL D . -5.67 10.71 3.95
C2 GOL D . -6.99 12.80 3.70
O2 GOL D . -7.14 12.91 5.12
C3 GOL D . -6.94 14.22 3.14
O3 GOL D . -6.00 15.03 3.86
C1 GOL E . 5.93 -2.70 -5.10
O1 GOL E . 4.89 -3.39 -4.33
C2 GOL E . 5.56 -2.06 -6.47
O2 GOL E . 6.58 -1.16 -7.12
C3 GOL E . 4.93 -3.12 -7.42
O3 GOL E . 5.68 -3.83 -8.48
C1 GOL F . 4.69 3.39 21.70
O1 GOL F . 3.45 3.53 22.42
C2 GOL F . 5.80 4.16 22.42
O2 GOL F . 5.29 5.39 22.80
C3 GOL F . 6.93 4.42 21.43
O3 GOL F . 7.83 5.40 21.82
C1 GOL G . -2.56 17.03 3.00
O1 GOL G . -1.30 17.72 3.22
C2 GOL G . -3.69 17.90 2.56
O2 GOL G . -4.92 17.11 2.45
C3 GOL G . -3.90 19.16 3.42
O3 GOL G . -4.17 18.73 4.74
S SO4 H . -1.93 -7.65 -1.24
O1 SO4 H . -2.43 -7.14 -0.01
O2 SO4 H . -2.02 -6.67 -2.36
O3 SO4 H . -0.59 -8.02 -1.05
O4 SO4 H . -2.80 -8.81 -1.59
S SO4 I . 6.07 -14.23 -4.79
O1 SO4 I . 5.93 -12.80 -4.31
O2 SO4 I . 4.88 -14.73 -5.39
O3 SO4 I . 6.47 -14.91 -3.54
O4 SO4 I . 7.16 -14.25 -5.76
S SO4 J . 9.13 18.75 19.10
O1 SO4 J . 7.78 19.37 19.36
O2 SO4 J . 10.03 19.84 18.55
O3 SO4 J . 9.59 18.04 20.29
O4 SO4 J . 8.91 17.76 18.04
S SO4 K . 0.93 22.58 7.58
O1 SO4 K . 1.16 24.05 7.81
O2 SO4 K . -0.22 22.32 6.63
O3 SO4 K . 2.24 22.24 6.96
O4 SO4 K . 0.66 21.88 8.91
CL CL L . -5.33 -18.63 0.09
#